data_1YLL
#
_entry.id   1YLL
#
_cell.length_a   68.514
_cell.length_b   67.209
_cell.length_c   82.768
_cell.angle_alpha   90.00
_cell.angle_beta   111.35
_cell.angle_gamma   90.00
#
_symmetry.space_group_name_H-M   'P 1 21 1'
#
loop_
_entity.id
_entity.type
_entity.pdbx_description
1 polymer 'conserved hypothetical protein'
2 water water
#
_entity_poly.entity_id   1
_entity_poly.type   'polypeptide(L)'
_entity_poly.pdbx_seq_one_letter_code
;GHMSELRILRAVDYPR(MSE)PWKNGAGSTEEIARDGGDGLDGFGWRLSIADVGESGGFSGFAGYQRIISVLEGGG
(MSE)RLRVDGAESAPLRARQAFAFSGDSEVHCTLLDGAIRDFNLIYAPRRHRARLQWLRVEGELDWHGTASTLLLFAQQ
DGVAISLQGQPRGQLAAHDCLCAEGLQGLQHWRLTAHEPAWVCAVELDSLGS
;
_entity_poly.pdbx_strand_id   A,B,C,D
#
# COMPACT_ATOMS: atom_id res chain seq x y z
N SER A 4 -4.79 -2.66 -12.16
CA SER A 4 -3.65 -3.06 -11.27
C SER A 4 -4.06 -4.20 -10.35
N GLU A 5 -3.22 -5.23 -10.23
CA GLU A 5 -3.53 -6.36 -9.37
C GLU A 5 -2.27 -6.99 -8.83
N LEU A 6 -2.35 -7.57 -7.65
CA LEU A 6 -1.19 -8.21 -7.05
C LEU A 6 -1.67 -9.41 -6.27
N ARG A 7 -1.09 -10.56 -6.58
CA ARG A 7 -1.46 -11.80 -5.94
C ARG A 7 -0.26 -12.69 -5.69
N ILE A 8 -0.31 -13.48 -4.63
CA ILE A 8 0.76 -14.42 -4.38
C ILE A 8 0.25 -15.77 -4.79
N LEU A 9 0.84 -16.30 -5.85
CA LEU A 9 0.44 -17.60 -6.35
C LEU A 9 1.15 -18.66 -5.52
N ARG A 10 0.38 -19.66 -5.11
CA ARG A 10 0.91 -20.73 -4.28
C ARG A 10 1.23 -22.00 -5.06
N ALA A 11 2.40 -22.58 -4.79
CA ALA A 11 2.82 -23.78 -5.47
C ALA A 11 1.80 -24.92 -5.35
N VAL A 12 1.13 -24.96 -4.21
CA VAL A 12 0.12 -25.99 -3.98
C VAL A 12 -1.03 -25.89 -5.00
N ASP A 13 -1.16 -24.76 -5.67
CA ASP A 13 -2.21 -24.55 -6.65
C ASP A 13 -1.78 -24.72 -8.09
N TYR A 14 -0.50 -24.98 -8.35
CA TYR A 14 -0.08 -25.09 -9.76
C TYR A 14 -0.59 -26.36 -10.42
N PRO A 15 -1.18 -26.22 -11.61
CA PRO A 15 -1.69 -27.37 -12.34
C PRO A 15 -0.54 -28.06 -13.07
N ARG A 16 -0.74 -29.31 -13.43
CA ARG A 16 0.29 -30.04 -14.13
C ARG A 16 -0.29 -30.43 -15.48
N PRO A 18 0.81 -32.72 -19.15
CA PRO A 18 1.67 -33.73 -19.75
C PRO A 18 3.00 -33.97 -19.07
N GLY A 24 7.60 -36.13 -20.07
CA GLY A 24 7.86 -35.00 -19.20
C GLY A 24 6.58 -34.25 -18.86
N SER A 25 6.61 -33.50 -17.76
CA SER A 25 5.45 -32.75 -17.32
C SER A 25 5.83 -31.35 -16.96
N THR A 26 4.84 -30.46 -16.97
CA THR A 26 5.11 -29.08 -16.64
C THR A 26 4.02 -28.59 -15.73
N GLU A 27 4.43 -27.74 -14.78
CA GLU A 27 3.54 -27.09 -13.83
C GLU A 27 3.53 -25.62 -14.20
N GLU A 28 2.38 -25.13 -14.64
CA GLU A 28 2.31 -23.74 -15.03
C GLU A 28 2.08 -22.84 -13.81
N ILE A 29 2.95 -21.86 -13.66
CA ILE A 29 2.80 -20.90 -12.58
C ILE A 29 1.81 -19.80 -12.99
N ALA A 30 2.00 -19.26 -14.18
CA ALA A 30 1.13 -18.18 -14.62
C ALA A 30 1.32 -17.90 -16.10
N ARG A 31 0.37 -17.19 -16.69
CA ARG A 31 0.45 -16.75 -18.08
C ARG A 31 -0.33 -15.44 -18.14
N ASP A 32 -0.06 -14.61 -19.14
CA ASP A 32 -0.82 -13.36 -19.22
C ASP A 32 -2.27 -13.69 -19.59
N GLY A 33 -2.44 -14.74 -20.39
CA GLY A 33 -3.77 -15.15 -20.80
C GLY A 33 -3.79 -15.93 -22.08
N GLY A 34 -4.98 -16.26 -22.59
CA GLY A 34 -5.01 -17.01 -23.82
C GLY A 34 -5.02 -18.51 -23.56
N ASP A 35 -5.34 -19.26 -24.62
CA ASP A 35 -5.51 -20.71 -24.56
C ASP A 35 -4.40 -21.55 -25.18
N GLY A 36 -4.10 -22.68 -24.57
CA GLY A 36 -3.10 -23.58 -25.11
C GLY A 36 -1.68 -23.10 -25.07
N LEU A 37 -0.77 -23.88 -25.63
CA LEU A 37 0.64 -23.50 -25.59
C LEU A 37 1.04 -22.65 -26.77
N ASP A 38 0.01 -22.16 -27.46
CA ASP A 38 0.13 -21.36 -28.65
C ASP A 38 -0.57 -20.01 -28.49
N GLY A 39 -1.32 -19.82 -27.41
CA GLY A 39 -2.08 -18.58 -27.28
C GLY A 39 -1.72 -17.53 -26.28
N PHE A 40 -0.60 -17.72 -25.59
CA PHE A 40 -0.19 -16.75 -24.59
C PHE A 40 0.85 -15.75 -25.08
N GLY A 41 0.97 -14.61 -24.37
CA GLY A 41 2.00 -13.61 -24.64
C GLY A 41 3.21 -14.00 -23.82
N TRP A 42 2.97 -14.48 -22.60
CA TRP A 42 4.10 -14.98 -21.78
C TRP A 42 3.57 -16.06 -20.85
N ARG A 43 4.47 -16.96 -20.50
CA ARG A 43 4.11 -18.07 -19.61
C ARG A 43 5.34 -18.43 -18.76
N LEU A 44 5.12 -18.72 -17.45
CA LEU A 44 6.20 -19.07 -16.53
C LEU A 44 5.82 -20.45 -16.00
N SER A 45 6.76 -21.37 -15.92
CA SER A 45 6.44 -22.72 -15.50
C SER A 45 7.64 -23.38 -14.90
N ILE A 46 7.38 -24.55 -14.30
CA ILE A 46 8.40 -25.39 -13.70
C ILE A 46 8.23 -26.73 -14.41
N ALA A 47 9.29 -27.20 -15.04
CA ALA A 47 9.15 -28.48 -15.74
C ALA A 47 10.03 -29.56 -15.12
N ASP A 48 9.60 -30.82 -15.29
CA ASP A 48 10.38 -31.94 -14.79
C ASP A 48 10.92 -32.61 -16.02
N VAL A 49 12.24 -32.78 -16.07
CA VAL A 49 12.87 -33.44 -17.21
C VAL A 49 13.56 -34.70 -16.67
N GLY A 50 13.04 -35.88 -17.01
CA GLY A 50 13.61 -37.13 -16.50
C GLY A 50 14.46 -37.95 -17.43
N GLU A 51 14.44 -37.58 -18.70
N GLU A 51 14.39 -37.64 -18.73
CA GLU A 51 15.21 -38.30 -19.69
CA GLU A 51 15.15 -38.37 -19.74
C GLU A 51 15.81 -37.27 -20.65
C GLU A 51 15.69 -37.39 -20.79
N SER A 52 16.86 -37.67 -21.34
CA SER A 52 17.44 -36.78 -22.34
C SER A 52 16.49 -36.91 -23.51
N GLY A 53 16.38 -35.87 -24.31
CA GLY A 53 15.47 -35.91 -25.43
C GLY A 53 15.25 -34.53 -25.99
N GLY A 54 14.41 -34.43 -26.99
CA GLY A 54 14.18 -33.13 -27.60
C GLY A 54 13.17 -32.29 -26.87
N PHE A 55 13.25 -30.97 -27.05
CA PHE A 55 12.31 -30.03 -26.47
C PHE A 55 11.31 -29.70 -27.58
N SER A 56 10.04 -29.64 -27.22
CA SER A 56 9.00 -29.33 -28.19
C SER A 56 9.24 -27.88 -28.58
N GLY A 57 8.82 -27.49 -29.78
CA GLY A 57 9.03 -26.13 -30.23
C GLY A 57 7.92 -25.21 -29.80
N PHE A 58 8.26 -23.94 -29.64
CA PHE A 58 7.29 -22.91 -29.27
C PHE A 58 7.60 -21.89 -30.33
N ALA A 59 7.14 -22.19 -31.54
CA ALA A 59 7.41 -21.31 -32.67
C ALA A 59 7.04 -19.88 -32.40
N GLY A 60 7.99 -18.99 -32.70
CA GLY A 60 7.77 -17.57 -32.54
C GLY A 60 8.08 -17.01 -31.17
N TYR A 61 8.31 -17.89 -30.21
CA TYR A 61 8.60 -17.44 -28.84
C TYR A 61 10.06 -17.45 -28.48
N GLN A 62 10.39 -16.60 -27.50
CA GLN A 62 11.73 -16.53 -26.95
C GLN A 62 11.67 -17.36 -25.65
N ARG A 63 12.70 -18.14 -25.37
CA ARG A 63 12.67 -18.95 -24.15
C ARG A 63 13.89 -18.63 -23.28
N ILE A 64 13.71 -18.66 -21.95
CA ILE A 64 14.84 -18.52 -21.05
C ILE A 64 14.59 -19.65 -20.04
N ILE A 65 15.56 -20.54 -19.92
CA ILE A 65 15.44 -21.69 -19.02
C ILE A 65 16.55 -21.68 -17.97
N SER A 66 16.23 -22.23 -16.81
CA SER A 66 17.18 -22.29 -15.68
C SER A 66 16.97 -23.61 -14.95
N VAL A 67 18.02 -24.35 -14.67
CA VAL A 67 17.69 -25.53 -13.89
C VAL A 67 17.52 -25.13 -12.43
N LEU A 68 16.59 -25.79 -11.76
CA LEU A 68 16.34 -25.53 -10.34
C LEU A 68 17.03 -26.56 -9.46
N GLU A 69 16.87 -27.83 -9.85
CA GLU A 69 17.39 -28.96 -9.08
C GLU A 69 17.95 -30.05 -10.00
N GLY A 70 18.88 -30.85 -9.48
CA GLY A 70 19.45 -31.91 -10.28
C GLY A 70 20.84 -31.63 -10.79
N GLY A 71 21.45 -32.61 -11.43
CA GLY A 71 22.81 -32.45 -11.95
C GLY A 71 23.02 -31.49 -13.11
N GLY A 72 21.94 -30.96 -13.68
CA GLY A 72 22.16 -30.02 -14.77
C GLY A 72 21.93 -30.64 -16.11
N ARG A 74 22.82 -30.03 -20.70
CA ARG A 74 23.56 -29.38 -21.74
C ARG A 74 22.53 -29.35 -22.85
N LEU A 75 22.32 -28.19 -23.46
CA LEU A 75 21.36 -28.05 -24.54
C LEU A 75 22.02 -27.87 -25.89
N ARG A 76 21.66 -28.71 -26.86
CA ARG A 76 22.20 -28.59 -28.22
C ARG A 76 21.13 -27.80 -29.00
N VAL A 77 21.48 -26.59 -29.40
CA VAL A 77 20.55 -25.72 -30.11
C VAL A 77 21.03 -25.56 -31.55
N ASP A 78 20.23 -26.09 -32.47
CA ASP A 78 20.54 -26.08 -33.91
C ASP A 78 21.94 -26.60 -34.15
N GLY A 79 22.26 -27.73 -33.51
CA GLY A 79 23.56 -28.34 -33.70
C GLY A 79 24.68 -27.85 -32.81
N ALA A 80 24.49 -26.71 -32.15
CA ALA A 80 25.53 -26.15 -31.28
C ALA A 80 25.30 -26.49 -29.80
N GLU A 81 26.27 -27.14 -29.17
CA GLU A 81 26.18 -27.52 -27.78
C GLU A 81 26.45 -26.39 -26.78
N SER A 82 25.53 -26.19 -25.85
CA SER A 82 25.72 -25.15 -24.84
C SER A 82 26.73 -25.68 -23.86
N ALA A 83 27.13 -24.82 -22.93
CA ALA A 83 28.06 -25.20 -21.90
C ALA A 83 27.18 -25.92 -20.88
N PRO A 84 27.80 -26.63 -19.93
CA PRO A 84 27.04 -27.34 -18.90
C PRO A 84 26.17 -26.33 -18.15
N LEU A 85 24.88 -26.58 -18.02
CA LEU A 85 24.01 -25.65 -17.29
C LEU A 85 23.67 -26.21 -15.91
N ARG A 86 24.05 -25.44 -14.89
CA ARG A 86 23.80 -25.81 -13.52
C ARG A 86 22.71 -24.93 -12.91
N ALA A 87 22.37 -25.23 -11.66
CA ALA A 87 21.34 -24.49 -10.97
C ALA A 87 21.44 -22.99 -11.12
N ARG A 88 20.31 -22.39 -11.46
CA ARG A 88 20.17 -20.94 -11.56
C ARG A 88 21.07 -20.23 -12.55
N GLN A 89 21.47 -20.95 -13.60
CA GLN A 89 22.26 -20.37 -14.68
C GLN A 89 21.31 -20.24 -15.85
N ALA A 90 20.71 -19.06 -15.98
CA ALA A 90 19.73 -18.87 -17.04
C ALA A 90 20.33 -18.96 -18.44
N PHE A 91 19.62 -19.58 -19.36
CA PHE A 91 20.08 -19.76 -20.75
C PHE A 91 18.92 -19.44 -21.68
N ALA A 92 19.19 -18.54 -22.63
CA ALA A 92 18.16 -18.10 -23.57
C ALA A 92 18.31 -18.75 -24.94
N PHE A 93 17.19 -19.11 -25.54
CA PHE A 93 17.19 -19.72 -26.87
C PHE A 93 15.85 -19.52 -27.56
N SER A 94 15.84 -19.66 -28.88
CA SER A 94 14.62 -19.45 -29.61
C SER A 94 13.69 -20.66 -29.66
N GLY A 95 12.39 -20.40 -29.56
CA GLY A 95 11.41 -21.47 -29.64
C GLY A 95 11.36 -22.04 -31.07
N ASP A 96 12.00 -21.33 -31.99
CA ASP A 96 12.06 -21.78 -33.39
C ASP A 96 13.20 -22.78 -33.59
N SER A 97 14.11 -22.87 -32.64
CA SER A 97 15.25 -23.77 -32.77
C SER A 97 14.94 -25.23 -32.51
N GLU A 98 15.81 -26.10 -33.04
CA GLU A 98 15.63 -27.52 -32.81
C GLU A 98 16.56 -27.71 -31.60
N VAL A 99 15.99 -28.18 -30.50
CA VAL A 99 16.77 -28.33 -29.28
C VAL A 99 16.72 -29.74 -28.72
N HIS A 100 17.89 -30.23 -28.32
CA HIS A 100 17.98 -31.55 -27.68
C HIS A 100 18.61 -31.30 -26.32
N CYS A 101 18.02 -31.90 -25.30
CA CYS A 101 18.51 -31.76 -23.93
C CYS A 101 19.21 -33.03 -23.46
N THR A 102 20.47 -32.88 -23.05
CA THR A 102 21.24 -33.99 -22.53
C THR A 102 21.35 -33.79 -21.02
N LEU A 103 20.81 -34.72 -20.25
CA LEU A 103 20.88 -34.65 -18.78
C LEU A 103 22.29 -35.07 -18.38
N LEU A 104 22.94 -34.26 -17.55
CA LEU A 104 24.29 -34.50 -17.09
C LEU A 104 24.40 -35.67 -16.11
N ASP A 105 23.45 -35.76 -15.19
CA ASP A 105 23.45 -36.85 -14.22
C ASP A 105 22.10 -37.00 -13.57
N GLY A 106 21.14 -37.53 -14.32
CA GLY A 106 19.83 -37.74 -13.77
C GLY A 106 18.81 -36.65 -14.01
N ALA A 107 17.60 -36.88 -13.51
CA ALA A 107 16.48 -35.96 -13.65
C ALA A 107 16.75 -34.59 -13.08
N ILE A 108 16.07 -33.60 -13.64
CA ILE A 108 16.22 -32.24 -13.15
C ILE A 108 14.86 -31.61 -13.14
N ARG A 109 14.76 -30.47 -12.46
CA ARG A 109 13.52 -29.70 -12.48
C ARG A 109 14.06 -28.36 -12.97
N ASP A 110 13.32 -27.72 -13.86
CA ASP A 110 13.77 -26.42 -14.38
C ASP A 110 12.68 -25.36 -14.22
N PHE A 111 13.06 -24.11 -14.47
CA PHE A 111 12.19 -22.94 -14.34
C PHE A 111 12.26 -22.32 -15.74
N ASN A 112 11.10 -22.07 -16.32
CA ASN A 112 11.02 -21.59 -17.70
C ASN A 112 10.19 -20.35 -17.88
N LEU A 113 10.74 -19.39 -18.65
CA LEU A 113 9.98 -18.22 -19.06
C LEU A 113 9.89 -18.37 -20.59
N ILE A 114 8.69 -18.27 -21.14
CA ILE A 114 8.51 -18.32 -22.60
C ILE A 114 7.67 -17.06 -22.91
N TYR A 115 8.14 -16.25 -23.84
CA TYR A 115 7.37 -15.04 -24.18
C TYR A 115 7.51 -14.64 -25.64
N ALA A 116 6.54 -13.86 -26.10
CA ALA A 116 6.54 -13.37 -27.48
C ALA A 116 7.38 -12.08 -27.46
N PRO A 117 8.59 -12.13 -28.04
CA PRO A 117 9.48 -10.96 -28.03
C PRO A 117 9.11 -9.70 -28.78
N ARG A 118 8.24 -9.82 -29.77
CA ARG A 118 7.83 -8.62 -30.47
C ARG A 118 6.67 -7.92 -29.75
N ARG A 119 6.19 -8.50 -28.65
CA ARG A 119 5.12 -7.83 -27.90
C ARG A 119 5.36 -7.67 -26.42
N HIS A 120 6.43 -8.24 -25.91
CA HIS A 120 6.71 -8.09 -24.47
C HIS A 120 8.20 -7.90 -24.25
N ARG A 121 8.55 -6.85 -23.50
N ARG A 121 8.59 -6.84 -23.54
CA ARG A 121 9.92 -6.56 -23.13
CA ARG A 121 10.01 -6.61 -23.22
C ARG A 121 10.09 -7.48 -21.91
C ARG A 121 10.17 -7.34 -21.88
N ALA A 122 11.28 -8.07 -21.74
CA ALA A 122 11.49 -8.94 -20.57
C ALA A 122 12.84 -8.76 -19.89
N ARG A 123 12.87 -9.12 -18.60
CA ARG A 123 14.12 -9.08 -17.82
C ARG A 123 14.01 -10.28 -16.88
N LEU A 124 15.11 -11.00 -16.69
CA LEU A 124 15.07 -12.16 -15.80
C LEU A 124 16.36 -12.16 -15.02
N GLN A 125 16.25 -12.20 -13.69
CA GLN A 125 17.50 -12.26 -12.93
C GLN A 125 17.37 -13.05 -11.64
N TRP A 126 18.29 -13.99 -11.42
CA TRP A 126 18.32 -14.75 -10.17
C TRP A 126 19.01 -13.87 -9.11
N LEU A 127 18.41 -13.79 -7.91
CA LEU A 127 18.95 -12.90 -6.86
C LEU A 127 18.94 -13.71 -5.58
N ARG A 128 19.96 -13.54 -4.74
CA ARG A 128 19.97 -14.27 -3.48
C ARG A 128 19.71 -13.25 -2.38
N VAL A 129 18.55 -13.39 -1.72
CA VAL A 129 18.14 -12.47 -0.66
C VAL A 129 18.86 -12.89 0.62
N GLU A 130 19.69 -11.99 1.14
CA GLU A 130 20.44 -12.21 2.38
C GLU A 130 20.04 -11.04 3.26
N GLY A 131 19.02 -11.23 4.10
CA GLY A 131 18.55 -10.16 4.96
C GLY A 131 17.54 -9.33 4.19
N GLU A 132 18.02 -8.48 3.31
CA GLU A 132 17.11 -7.64 2.55
C GLU A 132 17.76 -7.20 1.27
N LEU A 133 16.95 -6.99 0.24
CA LEU A 133 17.50 -6.43 -0.99
C LEU A 133 16.35 -5.68 -1.59
N ASP A 134 16.66 -4.67 -2.41
CA ASP A 134 15.58 -3.91 -2.99
C ASP A 134 15.97 -3.35 -4.34
N TRP A 135 14.97 -2.85 -5.06
CA TRP A 135 15.23 -2.20 -6.35
C TRP A 135 14.02 -1.34 -6.68
N HIS A 136 14.19 -0.45 -7.65
CA HIS A 136 13.09 0.39 -8.13
C HIS A 136 12.93 0.05 -9.61
N GLY A 137 11.70 -0.08 -10.08
CA GLY A 137 11.53 -0.36 -11.50
C GLY A 137 10.15 0.04 -11.95
N THR A 138 10.01 0.33 -13.25
CA THR A 138 8.75 0.75 -13.82
C THR A 138 7.97 -0.36 -14.49
N ALA A 139 8.52 -1.58 -14.50
CA ALA A 139 7.84 -2.70 -15.13
C ALA A 139 6.40 -2.83 -14.64
N SER A 140 5.50 -3.01 -15.59
CA SER A 140 4.08 -3.16 -15.31
C SER A 140 3.76 -4.53 -14.72
N THR A 141 4.51 -5.55 -15.14
CA THR A 141 4.33 -6.90 -14.65
C THR A 141 5.59 -7.41 -13.97
N LEU A 142 5.43 -7.93 -12.76
CA LEU A 142 6.53 -8.55 -12.03
C LEU A 142 6.09 -9.92 -11.55
N LEU A 143 6.93 -10.92 -11.81
CA LEU A 143 6.71 -12.24 -11.32
C LEU A 143 7.93 -12.48 -10.43
N LEU A 144 7.73 -12.73 -9.14
CA LEU A 144 8.87 -12.96 -8.25
C LEU A 144 8.74 -14.37 -7.70
N PHE A 145 9.57 -15.27 -8.20
CA PHE A 145 9.55 -16.67 -7.82
C PHE A 145 10.54 -16.99 -6.74
N ALA A 146 10.07 -17.61 -5.67
CA ALA A 146 10.99 -17.99 -4.60
C ALA A 146 11.39 -19.46 -4.76
N GLN A 147 12.69 -19.74 -4.84
CA GLN A 147 13.08 -21.13 -4.95
C GLN A 147 13.06 -21.68 -3.54
N GLN A 148 13.56 -20.89 -2.60
CA GLN A 148 13.59 -21.32 -1.22
C GLN A 148 12.50 -20.65 -0.41
N ASP A 149 12.13 -21.29 0.68
CA ASP A 149 11.10 -20.80 1.54
C ASP A 149 11.53 -19.56 2.32
N GLY A 150 10.55 -18.71 2.60
CA GLY A 150 10.80 -17.56 3.44
C GLY A 150 11.25 -16.24 2.87
N VAL A 151 10.49 -15.69 1.93
CA VAL A 151 10.80 -14.39 1.35
C VAL A 151 9.58 -13.49 1.52
N ALA A 152 9.74 -12.40 2.25
CA ALA A 152 8.64 -11.46 2.46
C ALA A 152 8.84 -10.36 1.43
N ILE A 153 7.73 -9.81 0.94
CA ILE A 153 7.82 -8.78 -0.07
C ILE A 153 7.01 -7.54 0.25
N SER A 154 7.61 -6.37 0.13
N SER A 154 7.63 -6.38 0.10
CA SER A 154 6.88 -5.13 0.33
CA SER A 154 6.94 -5.10 0.32
C SER A 154 6.95 -4.33 -0.97
C SER A 154 6.96 -4.33 -0.99
N LEU A 155 5.90 -3.55 -1.24
CA LEU A 155 5.80 -2.73 -2.43
C LEU A 155 5.40 -1.34 -1.98
N GLN A 156 6.21 -0.35 -2.38
CA GLN A 156 5.98 1.05 -2.01
C GLN A 156 5.85 1.13 -0.50
N GLY A 157 6.67 0.36 0.19
CA GLY A 157 6.68 0.33 1.64
C GLY A 157 5.63 -0.52 2.34
N GLN A 158 4.65 -1.01 1.59
CA GLN A 158 3.56 -1.81 2.16
C GLN A 158 3.83 -3.31 2.09
N PRO A 159 3.79 -4.02 3.24
CA PRO A 159 4.04 -5.45 3.14
C PRO A 159 2.93 -6.12 2.31
N ARG A 160 3.32 -7.04 1.43
CA ARG A 160 2.33 -7.70 0.60
C ARG A 160 2.20 -9.19 0.82
N GLY A 161 3.02 -9.77 1.70
CA GLY A 161 2.89 -11.19 1.93
C GLY A 161 4.23 -11.89 1.93
N GLN A 162 4.19 -13.18 2.22
CA GLN A 162 5.40 -13.97 2.30
C GLN A 162 5.28 -15.16 1.37
N LEU A 163 6.41 -15.57 0.81
CA LEU A 163 6.41 -16.68 -0.14
C LEU A 163 7.04 -17.93 0.46
N ALA A 164 6.41 -19.09 0.23
CA ALA A 164 7.01 -20.36 0.64
C ALA A 164 7.75 -20.89 -0.59
N ALA A 165 8.51 -21.97 -0.48
CA ALA A 165 9.28 -22.50 -1.62
C ALA A 165 8.39 -22.73 -2.83
N HIS A 166 8.87 -22.22 -3.96
CA HIS A 166 8.17 -22.27 -5.26
C HIS A 166 6.91 -21.40 -5.44
N ASP A 167 6.56 -20.62 -4.41
CA ASP A 167 5.43 -19.71 -4.54
C ASP A 167 5.95 -18.59 -5.44
N CYS A 168 5.04 -17.80 -5.98
CA CYS A 168 5.43 -16.76 -6.89
C CYS A 168 4.52 -15.55 -6.78
N LEU A 169 5.10 -14.39 -6.55
CA LEU A 169 4.27 -13.21 -6.54
C LEU A 169 4.01 -12.80 -7.99
N CYS A 170 2.80 -12.35 -8.27
CA CYS A 170 2.45 -11.93 -9.62
C CYS A 170 1.75 -10.60 -9.53
N ALA A 171 2.36 -9.57 -10.09
CA ALA A 171 1.78 -8.25 -10.07
C ALA A 171 1.60 -7.83 -11.52
N GLU A 172 0.46 -7.22 -11.83
CA GLU A 172 0.19 -6.81 -13.21
C GLU A 172 -0.49 -5.44 -13.28
N GLY A 173 -0.25 -4.75 -14.39
CA GLY A 173 -0.85 -3.43 -14.60
C GLY A 173 -0.30 -2.35 -13.69
N LEU A 174 0.91 -2.55 -13.16
CA LEU A 174 1.50 -1.54 -12.30
C LEU A 174 1.82 -0.29 -13.11
N GLN A 175 1.69 0.86 -12.48
CA GLN A 175 2.00 2.10 -13.16
C GLN A 175 2.97 2.94 -12.36
N GLY A 176 3.95 3.48 -13.05
CA GLY A 176 4.94 4.34 -12.44
C GLY A 176 6.09 3.55 -11.85
N LEU A 177 7.01 4.27 -11.20
CA LEU A 177 8.17 3.65 -10.56
C LEU A 177 7.69 2.94 -9.31
N GLN A 178 8.07 1.67 -9.17
CA GLN A 178 7.71 0.87 -8.01
C GLN A 178 8.94 0.55 -7.18
N HIS A 179 8.81 0.57 -5.85
CA HIS A 179 9.94 0.23 -4.99
C HIS A 179 9.63 -1.14 -4.37
N TRP A 180 10.43 -2.13 -4.75
CA TRP A 180 10.25 -3.51 -4.26
C TRP A 180 11.33 -3.81 -3.24
N ARG A 181 10.94 -4.42 -2.12
CA ARG A 181 11.92 -4.80 -1.11
C ARG A 181 11.63 -6.24 -0.68
N LEU A 182 12.66 -7.08 -0.72
CA LEU A 182 12.51 -8.47 -0.32
C LEU A 182 13.28 -8.66 0.97
N THR A 183 12.76 -9.48 1.87
CA THR A 183 13.48 -9.75 3.13
C THR A 183 13.43 -11.24 3.44
N ALA A 184 14.43 -11.75 4.14
CA ALA A 184 14.44 -13.18 4.46
C ALA A 184 15.30 -13.44 5.71
N HIS A 185 14.96 -14.47 6.49
CA HIS A 185 15.78 -14.79 7.67
C HIS A 185 17.06 -15.52 7.31
N GLU A 186 16.96 -16.38 6.29
CA GLU A 186 18.07 -17.18 5.84
C GLU A 186 18.20 -16.92 4.35
N PRO A 187 19.40 -17.06 3.80
CA PRO A 187 19.63 -16.83 2.37
C PRO A 187 18.57 -17.57 1.56
N ALA A 188 17.98 -16.87 0.59
CA ALA A 188 16.93 -17.48 -0.21
C ALA A 188 17.05 -16.97 -1.64
N TRP A 189 17.22 -17.92 -2.56
CA TRP A 189 17.31 -17.57 -3.99
C TRP A 189 15.90 -17.28 -4.53
N VAL A 190 15.79 -16.23 -5.34
CA VAL A 190 14.51 -15.88 -5.97
C VAL A 190 14.83 -15.51 -7.41
N CYS A 191 13.82 -15.56 -8.28
CA CYS A 191 14.07 -15.17 -9.66
C CYS A 191 13.07 -14.08 -9.93
N ALA A 192 13.59 -12.89 -10.30
CA ALA A 192 12.73 -11.75 -10.63
C ALA A 192 12.57 -11.68 -12.15
N VAL A 193 11.33 -11.77 -12.59
CA VAL A 193 10.98 -11.70 -14.00
C VAL A 193 10.10 -10.47 -14.20
N GLU A 194 10.55 -9.58 -15.07
CA GLU A 194 9.80 -8.36 -15.31
C GLU A 194 9.42 -8.30 -16.77
N LEU A 195 8.18 -7.90 -17.01
CA LEU A 195 7.66 -7.81 -18.37
C LEU A 195 6.90 -6.52 -18.58
N ASP A 196 7.00 -6.00 -19.79
CA ASP A 196 6.23 -4.80 -20.19
C ASP A 196 5.63 -5.11 -21.53
N SER A 197 4.40 -4.64 -21.75
CA SER A 197 3.73 -4.89 -23.01
C SER A 197 4.24 -3.96 -24.10
N LEU A 198 4.31 -4.52 -25.30
CA LEU A 198 4.77 -3.86 -26.52
C LEU A 198 6.08 -3.11 -26.31
N GLU B 5 27.43 3.33 -29.21
CA GLU B 5 26.71 2.06 -28.94
C GLU B 5 27.07 1.53 -27.55
N LEU B 6 28.35 1.25 -27.34
CA LEU B 6 28.86 0.72 -26.08
C LEU B 6 30.17 1.43 -25.75
N ARG B 7 30.18 2.18 -24.65
N ARG B 7 30.20 2.11 -24.61
CA ARG B 7 31.36 2.93 -24.22
CA ARG B 7 31.39 2.81 -24.20
C ARG B 7 31.51 2.87 -22.71
C ARG B 7 31.53 2.59 -22.72
N ILE B 8 32.75 2.79 -22.24
CA ILE B 8 32.98 2.74 -20.82
C ILE B 8 33.43 4.16 -20.48
N LEU B 9 32.59 4.87 -19.73
CA LEU B 9 32.90 6.22 -19.33
C LEU B 9 33.85 6.17 -18.15
N ARG B 10 34.90 6.98 -18.23
CA ARG B 10 35.88 6.99 -17.17
C ARG B 10 35.74 8.21 -16.25
N ALA B 11 35.78 7.96 -14.95
CA ALA B 11 35.62 9.02 -13.98
C ALA B 11 36.58 10.19 -14.16
N VAL B 12 37.78 9.92 -14.68
CA VAL B 12 38.75 11.02 -14.86
C VAL B 12 38.23 12.05 -15.83
N ASP B 13 37.24 11.67 -16.64
CA ASP B 13 36.67 12.55 -17.64
C ASP B 13 35.38 13.24 -17.22
N TYR B 14 34.89 13.00 -16.01
CA TYR B 14 33.63 13.64 -15.59
C TYR B 14 33.83 15.11 -15.26
N PRO B 15 32.90 15.96 -15.71
CA PRO B 15 33.00 17.39 -15.41
C PRO B 15 32.44 17.61 -14.01
N ARG B 16 32.75 18.74 -13.40
CA ARG B 16 32.25 19.01 -12.07
C ARG B 16 31.68 20.41 -12.03
N PRO B 18 29.95 23.17 -9.29
CA PRO B 18 29.56 23.46 -7.90
C PRO B 18 28.14 23.97 -7.89
N TRP B 19 27.46 23.73 -6.78
CA TRP B 19 26.09 24.20 -6.64
C TRP B 19 26.13 25.70 -6.32
N LYS B 20 25.09 26.40 -6.76
CA LYS B 20 24.94 27.84 -6.54
C LYS B 20 24.98 28.20 -5.04
N ASN B 21 24.36 27.38 -4.19
CA ASN B 21 24.34 27.64 -2.76
C ASN B 21 25.57 27.16 -1.99
N GLY B 22 26.61 26.71 -2.69
CA GLY B 22 27.83 26.24 -2.02
C GLY B 22 27.71 25.03 -1.12
N ALA B 23 26.56 24.37 -1.14
CA ALA B 23 26.30 23.20 -0.32
C ALA B 23 26.81 21.88 -0.92
N GLY B 24 27.25 21.91 -2.17
CA GLY B 24 27.78 20.70 -2.78
C GLY B 24 28.25 20.94 -4.21
N SER B 25 28.51 19.87 -4.94
CA SER B 25 28.92 19.99 -6.34
C SER B 25 28.55 18.70 -7.02
N THR B 26 28.32 18.77 -8.32
CA THR B 26 27.89 17.61 -9.08
C THR B 26 28.83 17.22 -10.22
N GLU B 27 29.06 15.92 -10.37
CA GLU B 27 29.88 15.38 -11.45
C GLU B 27 28.93 14.63 -12.39
N GLU B 28 28.71 15.15 -13.59
CA GLU B 28 27.80 14.46 -14.48
C GLU B 28 28.50 13.29 -15.16
N ILE B 29 27.88 12.12 -15.08
CA ILE B 29 28.46 10.93 -15.70
C ILE B 29 28.00 10.85 -17.16
N ALA B 30 26.70 10.99 -17.38
CA ALA B 30 26.17 10.90 -18.72
C ALA B 30 24.79 11.47 -18.78
N ARG B 31 24.33 11.79 -19.98
CA ARG B 31 22.97 12.28 -20.17
C ARG B 31 22.59 11.82 -21.58
N ASP B 32 21.31 11.63 -21.84
CA ASP B 32 20.91 11.15 -23.16
C ASP B 32 21.05 12.27 -24.17
N GLY B 39 16.84 19.97 -20.51
CA GLY B 39 15.76 19.36 -21.27
C GLY B 39 16.09 17.93 -21.66
N PHE B 40 16.96 17.32 -20.85
CA PHE B 40 17.39 15.96 -21.08
C PHE B 40 16.31 14.94 -20.81
N GLY B 41 16.52 13.75 -21.34
CA GLY B 41 15.59 12.66 -21.16
C GLY B 41 15.99 11.97 -19.87
N TRP B 42 17.30 11.89 -19.63
CA TRP B 42 17.79 11.28 -18.38
C TRP B 42 19.20 11.79 -18.17
N ARG B 43 19.62 11.82 -16.91
CA ARG B 43 20.95 12.28 -16.56
C ARG B 43 21.41 11.45 -15.35
N LEU B 44 22.67 11.01 -15.36
CA LEU B 44 23.25 10.21 -14.25
C LEU B 44 24.39 11.03 -13.70
N SER B 45 24.50 11.14 -12.39
CA SER B 45 25.56 11.94 -11.82
C SER B 45 25.98 11.47 -10.42
N ILE B 46 27.12 11.99 -9.97
CA ILE B 46 27.68 11.71 -8.62
C ILE B 46 27.76 13.09 -7.97
N ALA B 47 27.39 13.23 -6.71
CA ALA B 47 27.45 14.55 -6.10
C ALA B 47 28.14 14.52 -4.75
N ASP B 48 28.76 15.63 -4.40
CA ASP B 48 29.40 15.77 -3.11
C ASP B 48 28.43 16.72 -2.43
N VAL B 49 28.00 16.38 -1.22
CA VAL B 49 27.07 17.24 -0.49
C VAL B 49 27.80 17.50 0.82
N GLY B 50 28.16 18.76 1.04
CA GLY B 50 28.92 19.12 2.22
C GLY B 50 28.13 19.87 3.27
N GLU B 51 26.94 20.35 2.90
CA GLU B 51 26.08 21.08 3.80
C GLU B 51 24.61 20.69 3.60
N SER B 52 23.85 20.72 4.70
CA SER B 52 22.44 20.42 4.62
C SER B 52 21.81 21.58 3.86
N GLY B 53 20.72 21.31 3.17
CA GLY B 53 20.08 22.38 2.43
C GLY B 53 19.09 21.76 1.49
N GLY B 54 18.38 22.61 0.75
CA GLY B 54 17.37 22.15 -0.17
C GLY B 54 17.94 21.71 -1.50
N PHE B 55 17.15 20.92 -2.22
CA PHE B 55 17.54 20.46 -3.52
C PHE B 55 16.82 21.29 -4.57
N SER B 56 17.56 21.69 -5.59
CA SER B 56 17.00 22.47 -6.68
C SER B 56 15.97 21.58 -7.35
N GLY B 57 14.91 22.17 -7.89
CA GLY B 57 13.90 21.37 -8.52
C GLY B 57 14.19 21.00 -9.97
N PHE B 58 13.71 19.82 -10.35
CA PHE B 58 13.83 19.34 -11.72
C PHE B 58 12.37 19.04 -12.04
N ALA B 59 11.63 20.10 -12.29
CA ALA B 59 10.23 19.99 -12.59
C ALA B 59 9.89 18.96 -13.63
N GLY B 60 8.96 18.08 -13.30
CA GLY B 60 8.50 17.07 -14.22
C GLY B 60 9.38 15.84 -14.33
N TYR B 61 10.46 15.81 -13.57
CA TYR B 61 11.37 14.66 -13.59
C TYR B 61 11.20 13.75 -12.39
N GLN B 62 11.58 12.49 -12.59
CA GLN B 62 11.56 11.51 -11.52
C GLN B 62 13.01 11.39 -11.06
N ARG B 63 13.21 11.35 -9.75
CA ARG B 63 14.59 11.24 -9.23
C ARG B 63 14.75 10.00 -8.38
N ILE B 64 15.95 9.43 -8.39
CA ILE B 64 16.28 8.32 -7.51
C ILE B 64 17.70 8.64 -7.02
N ILE B 65 17.85 8.79 -5.71
CA ILE B 65 19.14 9.15 -5.10
C ILE B 65 19.65 8.03 -4.21
N SER B 66 20.98 7.88 -4.14
CA SER B 66 21.60 6.85 -3.30
C SER B 66 22.87 7.42 -2.64
N VAL B 67 23.04 7.21 -1.34
CA VAL B 67 24.30 7.66 -0.72
C VAL B 67 25.40 6.66 -1.16
N LEU B 68 26.60 7.16 -1.49
N LEU B 68 26.62 7.16 -1.40
CA LEU B 68 27.71 6.28 -1.89
CA LEU B 68 27.74 6.28 -1.76
C LEU B 68 28.68 6.11 -0.72
C LEU B 68 28.69 6.14 -0.57
N GLU B 69 28.83 7.18 0.05
N GLU B 69 29.10 7.28 -0.04
CA GLU B 69 29.74 7.12 1.19
CA GLU B 69 30.06 7.31 1.07
C GLU B 69 29.42 8.25 2.15
C GLU B 69 29.68 8.38 2.10
N GLY B 70 29.89 8.09 3.38
CA GLY B 70 29.59 9.08 4.40
C GLY B 70 28.52 8.61 5.37
N GLY B 71 28.22 9.45 6.36
CA GLY B 71 27.23 9.12 7.38
C GLY B 71 25.79 9.06 6.90
N GLY B 72 25.51 9.51 5.68
CA GLY B 72 24.14 9.43 5.22
C GLY B 72 23.36 10.72 5.32
N ARG B 74 19.04 12.54 5.62
CA ARG B 74 17.63 12.33 5.84
C ARG B 74 17.02 13.39 4.93
N LEU B 75 16.05 12.96 4.12
CA LEU B 75 15.39 13.86 3.20
C LEU B 75 13.99 14.16 3.64
N ARG B 76 13.63 15.43 3.62
CA ARG B 76 12.24 15.81 3.93
C ARG B 76 11.62 16.22 2.59
N VAL B 77 10.64 15.43 2.15
CA VAL B 77 9.98 15.61 0.87
C VAL B 77 8.53 16.04 1.06
N ASP B 78 8.21 17.23 0.58
CA ASP B 78 6.85 17.78 0.76
C ASP B 78 6.37 17.56 2.20
N GLY B 79 7.27 17.79 3.15
CA GLY B 79 6.91 17.65 4.55
C GLY B 79 7.15 16.31 5.20
N ALA B 80 7.29 15.26 4.39
CA ALA B 80 7.50 13.92 4.93
C ALA B 80 8.98 13.60 5.12
N GLU B 81 9.37 13.26 6.34
CA GLU B 81 10.75 12.93 6.65
C GLU B 81 11.06 11.46 6.36
N SER B 82 12.09 11.24 5.57
CA SER B 82 12.49 9.90 5.21
C SER B 82 13.17 9.24 6.39
N ALA B 83 13.35 7.93 6.27
CA ALA B 83 14.08 7.21 7.29
C ALA B 83 15.51 7.60 6.97
N PRO B 84 16.45 7.30 7.89
CA PRO B 84 17.84 7.66 7.59
C PRO B 84 18.34 6.89 6.36
N LEU B 85 18.98 7.59 5.44
CA LEU B 85 19.49 6.95 4.23
C LEU B 85 20.98 6.73 4.30
N ARG B 86 21.38 5.47 4.26
N ARG B 86 21.40 5.48 4.26
CA ARG B 86 22.79 5.08 4.34
CA ARG B 86 22.82 5.19 4.29
C ARG B 86 23.27 4.61 2.96
C ARG B 86 23.28 4.64 2.94
N ALA B 87 24.54 4.23 2.87
CA ALA B 87 25.12 3.75 1.61
C ALA B 87 24.26 2.74 0.83
N ARG B 88 24.11 3.03 -0.44
CA ARG B 88 23.40 2.16 -1.39
C ARG B 88 21.93 1.85 -1.08
N GLN B 89 21.26 2.78 -0.40
CA GLN B 89 19.83 2.63 -0.09
C GLN B 89 19.12 3.65 -0.99
N ALA B 90 18.74 3.20 -2.18
CA ALA B 90 18.11 4.10 -3.13
C ALA B 90 16.78 4.62 -2.62
N PHE B 91 16.50 5.88 -2.98
CA PHE B 91 15.30 6.57 -2.54
C PHE B 91 14.74 7.39 -3.71
N ALA B 92 13.46 7.21 -4.00
CA ALA B 92 12.86 7.92 -5.13
C ALA B 92 11.97 9.07 -4.66
N PHE B 93 12.00 10.13 -5.44
CA PHE B 93 11.15 11.29 -5.15
C PHE B 93 11.02 12.08 -6.42
N SER B 94 9.97 12.89 -6.44
CA SER B 94 9.67 13.72 -7.59
C SER B 94 10.48 14.99 -7.65
N GLY B 95 10.88 15.39 -8.86
CA GLY B 95 11.62 16.63 -9.00
C GLY B 95 10.72 17.84 -8.79
N ASP B 96 9.42 17.58 -8.67
CA ASP B 96 8.42 18.63 -8.47
C ASP B 96 8.27 18.90 -6.99
N SER B 97 8.71 17.94 -6.18
CA SER B 97 8.58 18.09 -4.74
C SER B 97 9.53 19.08 -4.10
N GLU B 98 9.13 19.63 -2.96
CA GLU B 98 10.02 20.51 -2.21
C GLU B 98 10.83 19.55 -1.35
N VAL B 99 12.16 19.64 -1.46
CA VAL B 99 13.03 18.71 -0.75
C VAL B 99 14.18 19.37 -0.01
N HIS B 100 14.34 18.98 1.24
CA HIS B 100 15.44 19.45 2.09
C HIS B 100 16.25 18.24 2.56
N CYS B 101 17.57 18.37 2.43
CA CYS B 101 18.49 17.32 2.83
C CYS B 101 19.21 17.67 4.10
N THR B 102 19.13 16.78 5.09
CA THR B 102 19.84 16.94 6.34
C THR B 102 20.95 15.89 6.39
N LEU B 103 22.20 16.34 6.53
CA LEU B 103 23.32 15.42 6.63
C LEU B 103 23.28 14.83 8.02
N LEU B 104 23.38 13.50 8.11
CA LEU B 104 23.34 12.79 9.39
C LEU B 104 24.62 12.93 10.21
N ASP B 105 25.76 12.94 9.53
CA ASP B 105 27.02 13.03 10.26
C ASP B 105 28.13 13.40 9.29
N GLY B 106 28.14 14.66 8.86
CA GLY B 106 29.19 15.10 7.95
C GLY B 106 28.92 14.94 6.45
N ALA B 107 29.90 15.37 5.66
CA ALA B 107 29.81 15.32 4.20
C ALA B 107 29.59 13.93 3.66
N ILE B 108 28.92 13.88 2.51
CA ILE B 108 28.64 12.61 1.85
C ILE B 108 28.79 12.75 0.35
N ARG B 109 28.81 11.62 -0.35
N ARG B 109 28.86 11.59 -0.30
CA ARG B 109 28.84 11.66 -1.79
CA ARG B 109 28.93 11.52 -1.75
C ARG B 109 27.65 10.81 -2.21
C ARG B 109 27.70 10.70 -2.09
N ASP B 110 26.92 11.27 -3.22
N ASP B 110 27.00 11.09 -3.16
CA ASP B 110 25.72 10.57 -3.68
CA ASP B 110 25.82 10.34 -3.57
C ASP B 110 25.70 10.24 -5.16
C ASP B 110 25.86 10.02 -5.06
N PHE B 111 24.88 9.24 -5.51
CA PHE B 111 24.74 8.79 -6.91
C PHE B 111 23.28 9.10 -7.28
N ASN B 112 23.07 9.80 -8.39
CA ASN B 112 21.72 10.26 -8.76
C ASN B 112 21.28 9.98 -10.17
N LEU B 113 20.04 9.52 -10.31
CA LEU B 113 19.42 9.32 -11.63
C LEU B 113 18.27 10.30 -11.69
N ILE B 114 18.17 11.05 -12.80
CA ILE B 114 17.02 11.94 -12.98
C ILE B 114 16.49 11.59 -14.34
N TYR B 115 15.20 11.34 -14.46
CA TYR B 115 14.71 10.99 -15.79
C TYR B 115 13.28 11.42 -16.01
N ALA B 116 12.94 11.60 -17.29
CA ALA B 116 11.58 12.00 -17.73
C ALA B 116 10.74 10.72 -17.82
N PRO B 117 9.82 10.51 -16.86
CA PRO B 117 8.94 9.33 -16.77
C PRO B 117 8.03 9.10 -17.97
N ARG B 118 7.69 10.17 -18.68
N ARG B 118 7.70 10.17 -18.68
CA ARG B 118 6.85 10.05 -19.86
CA ARG B 118 6.84 10.08 -19.85
C ARG B 118 7.65 9.75 -21.12
C ARG B 118 7.65 9.76 -21.11
N ARG B 119 8.97 9.69 -20.98
CA ARG B 119 9.84 9.40 -22.12
C ARG B 119 10.67 8.12 -21.96
N HIS B 120 10.91 7.74 -20.71
CA HIS B 120 11.71 6.58 -20.42
C HIS B 120 11.15 5.78 -19.27
N ARG B 121 11.23 4.47 -19.41
CA ARG B 121 10.87 3.52 -18.38
C ARG B 121 12.24 3.38 -17.70
N ALA B 122 12.28 3.04 -16.41
CA ALA B 122 13.55 2.97 -15.70
C ALA B 122 13.61 1.90 -14.65
N ARG B 123 14.81 1.38 -14.40
CA ARG B 123 14.98 0.38 -13.36
C ARG B 123 16.34 0.72 -12.74
N LEU B 124 16.47 0.56 -11.43
CA LEU B 124 17.75 0.87 -10.81
C LEU B 124 17.95 -0.11 -9.68
N GLN B 125 19.09 -0.77 -9.67
CA GLN B 125 19.33 -1.72 -8.57
C GLN B 125 20.80 -1.84 -8.19
N TRP B 126 21.08 -1.72 -6.89
CA TRP B 126 22.44 -1.92 -6.40
C TRP B 126 22.65 -3.44 -6.32
N LEU B 127 23.81 -3.89 -6.77
CA LEU B 127 24.15 -5.32 -6.79
C LEU B 127 25.59 -5.48 -6.35
N ARG B 128 25.85 -6.50 -5.50
CA ARG B 128 27.22 -6.75 -5.10
C ARG B 128 27.72 -7.94 -5.91
N VAL B 129 28.70 -7.68 -6.77
CA VAL B 129 29.24 -8.71 -7.61
C VAL B 129 30.21 -9.54 -6.76
N GLU B 130 29.86 -10.78 -6.47
CA GLU B 130 30.71 -11.65 -5.65
C GLU B 130 31.04 -12.79 -6.58
N GLY B 131 32.20 -12.68 -7.21
CA GLY B 131 32.62 -13.67 -8.17
C GLY B 131 32.02 -13.36 -9.51
N GLU B 132 30.73 -13.64 -9.66
CA GLU B 132 30.07 -13.40 -10.92
C GLU B 132 28.59 -13.28 -10.67
N LEU B 133 27.92 -12.56 -11.56
CA LEU B 133 26.46 -12.48 -11.52
C LEU B 133 26.03 -12.18 -12.95
N ASP B 134 24.80 -12.55 -13.30
CA ASP B 134 24.34 -12.26 -14.65
C ASP B 134 22.84 -12.05 -14.67
N TRP B 135 22.36 -11.48 -15.78
CA TRP B 135 20.91 -11.32 -15.97
C TRP B 135 20.65 -11.19 -17.45
N HIS B 136 19.40 -11.40 -17.86
CA HIS B 136 19.04 -11.18 -19.27
C HIS B 136 18.06 -10.04 -19.22
N GLY B 137 18.17 -9.09 -20.16
CA GLY B 137 17.24 -7.96 -20.14
C GLY B 137 17.09 -7.38 -21.53
N THR B 138 16.01 -6.65 -21.76
CA THR B 138 15.79 -6.10 -23.09
C THR B 138 15.93 -4.59 -23.18
N ALA B 139 16.27 -3.94 -22.07
CA ALA B 139 16.39 -2.49 -22.06
C ALA B 139 17.33 -1.99 -23.15
N SER B 140 16.93 -0.89 -23.77
CA SER B 140 17.70 -0.30 -24.85
C SER B 140 18.93 0.42 -24.32
N THR B 141 18.86 0.89 -23.07
CA THR B 141 20.03 1.56 -22.51
C THR B 141 20.42 0.97 -21.15
N LEU B 142 21.71 0.65 -21.00
CA LEU B 142 22.21 0.18 -19.70
C LEU B 142 23.34 1.11 -19.25
N LEU B 143 23.25 1.59 -18.00
CA LEU B 143 24.30 2.38 -17.38
C LEU B 143 24.73 1.48 -16.23
N LEU B 144 25.98 1.01 -16.23
CA LEU B 144 26.41 0.14 -15.13
C LEU B 144 27.53 0.89 -14.42
N PHE B 145 27.21 1.43 -13.26
CA PHE B 145 28.16 2.24 -12.50
C PHE B 145 28.91 1.35 -11.49
N ALA B 146 30.24 1.42 -11.47
CA ALA B 146 30.98 0.63 -10.50
C ALA B 146 31.37 1.51 -9.32
N GLN B 147 30.98 1.12 -8.10
CA GLN B 147 31.38 1.94 -6.98
C GLN B 147 32.82 1.58 -6.65
N GLN B 148 33.15 0.29 -6.76
N GLN B 148 33.15 0.29 -6.76
CA GLN B 148 34.51 -0.17 -6.48
CA GLN B 148 34.52 -0.18 -6.50
C GLN B 148 35.25 -0.66 -7.72
C GLN B 148 35.24 -0.64 -7.74
N ASP B 149 36.57 -0.75 -7.64
CA ASP B 149 37.41 -1.20 -8.74
C ASP B 149 37.20 -2.68 -9.08
N GLY B 150 37.60 -3.04 -10.30
CA GLY B 150 37.64 -4.43 -10.71
C GLY B 150 36.46 -5.20 -11.18
N VAL B 151 35.56 -4.55 -11.90
CA VAL B 151 34.40 -5.22 -12.43
C VAL B 151 34.55 -5.40 -13.93
N ALA B 152 34.55 -6.64 -14.37
CA ALA B 152 34.62 -6.92 -15.79
C ALA B 152 33.21 -7.16 -16.30
N ILE B 153 32.96 -6.74 -17.53
N ILE B 153 32.93 -6.72 -17.51
CA ILE B 153 31.63 -6.89 -18.10
CA ILE B 153 31.58 -6.90 -18.07
C ILE B 153 31.64 -7.61 -19.45
C ILE B 153 31.61 -7.58 -19.43
N SER B 154 30.75 -8.57 -19.62
CA SER B 154 30.67 -9.25 -20.90
C SER B 154 29.21 -9.15 -21.33
N LEU B 155 29.01 -9.08 -22.65
CA LEU B 155 27.67 -9.01 -23.21
C LEU B 155 27.57 -10.12 -24.26
N GLN B 156 26.56 -10.98 -24.13
CA GLN B 156 26.36 -12.07 -25.08
C GLN B 156 27.62 -12.92 -25.09
N GLY B 157 28.21 -13.11 -23.91
CA GLY B 157 29.41 -13.91 -23.77
C GLY B 157 30.70 -13.29 -24.27
N GLN B 158 30.66 -12.05 -24.73
CA GLN B 158 31.87 -11.40 -25.25
C GLN B 158 32.37 -10.34 -24.27
N PRO B 159 33.61 -10.48 -23.76
CA PRO B 159 34.17 -9.50 -22.83
C PRO B 159 34.13 -8.13 -23.46
N ARG B 160 33.73 -7.12 -22.71
CA ARG B 160 33.63 -5.77 -23.22
C ARG B 160 34.49 -4.77 -22.50
N GLY B 161 35.29 -5.24 -21.54
CA GLY B 161 36.13 -4.31 -20.81
C GLY B 161 35.95 -4.40 -19.31
N GLN B 162 36.61 -3.48 -18.63
N GLN B 162 36.65 -3.52 -18.60
CA GLN B 162 36.58 -3.45 -17.19
CA GLN B 162 36.62 -3.50 -17.14
C GLN B 162 36.35 -2.04 -16.67
C GLN B 162 36.55 -2.08 -16.57
N LEU B 163 35.83 -1.96 -15.46
CA LEU B 163 35.59 -0.69 -14.79
C LEU B 163 36.38 -0.53 -13.52
N ALA B 164 36.95 0.66 -13.36
CA ALA B 164 37.66 1.05 -12.16
C ALA B 164 36.59 1.78 -11.34
N ALA B 165 36.91 2.07 -10.09
CA ALA B 165 35.98 2.76 -9.19
C ALA B 165 35.43 4.03 -9.82
N HIS B 166 34.10 4.13 -9.79
CA HIS B 166 33.34 5.26 -10.31
C HIS B 166 33.23 5.37 -11.81
N ASP B 167 33.79 4.40 -12.55
CA ASP B 167 33.61 4.38 -14.01
C ASP B 167 32.19 3.85 -14.28
N CYS B 168 31.73 4.01 -15.50
CA CYS B 168 30.36 3.60 -15.80
C CYS B 168 30.25 3.12 -17.24
N LEU B 169 29.71 1.93 -17.43
CA LEU B 169 29.50 1.45 -18.78
C LEU B 169 28.25 2.14 -19.27
N CYS B 170 28.24 2.57 -20.54
CA CYS B 170 27.06 3.19 -21.12
C CYS B 170 26.82 2.46 -22.44
N ALA B 171 25.72 1.72 -22.50
CA ALA B 171 25.35 0.98 -23.70
C ALA B 171 24.00 1.52 -24.14
N GLU B 172 23.93 2.04 -25.36
CA GLU B 172 22.68 2.62 -25.83
C GLU B 172 22.22 2.02 -27.15
N GLY B 173 20.90 2.07 -27.37
CA GLY B 173 20.31 1.58 -28.61
C GLY B 173 20.36 0.07 -28.74
N LEU B 174 20.38 -0.61 -27.61
CA LEU B 174 20.43 -2.05 -27.61
C LEU B 174 19.09 -2.62 -28.10
N GLN B 175 19.16 -3.69 -28.89
CA GLN B 175 17.96 -4.36 -29.44
C GLN B 175 17.92 -5.87 -29.14
N GLY B 176 16.77 -6.34 -28.68
CA GLY B 176 16.64 -7.76 -28.39
C GLY B 176 17.04 -8.10 -26.96
N LEU B 177 16.96 -9.37 -26.61
CA LEU B 177 17.32 -9.81 -25.25
C LEU B 177 18.86 -9.80 -25.16
N GLN B 178 19.38 -9.22 -24.08
N GLN B 178 19.36 -9.21 -24.08
CA GLN B 178 20.83 -9.11 -23.88
CA GLN B 178 20.79 -9.14 -23.87
C GLN B 178 21.27 -9.88 -22.63
C GLN B 178 21.14 -10.07 -22.70
N HIS B 179 22.32 -10.68 -22.75
CA HIS B 179 22.79 -11.49 -21.62
C HIS B 179 24.01 -10.76 -21.07
N TRP B 180 23.88 -10.19 -19.88
CA TRP B 180 24.95 -9.42 -19.25
C TRP B 180 25.57 -10.22 -18.13
N ARG B 181 26.89 -10.22 -18.08
N ARG B 181 26.90 -10.28 -18.09
CA ARG B 181 27.57 -10.93 -17.01
CA ARG B 181 27.60 -11.00 -17.03
C ARG B 181 28.63 -10.01 -16.45
C ARG B 181 28.67 -10.09 -16.45
N LEU B 182 28.69 -9.97 -15.13
CA LEU B 182 29.67 -9.13 -14.45
C LEU B 182 30.54 -10.09 -13.64
N THR B 183 31.83 -9.81 -13.58
CA THR B 183 32.74 -10.63 -12.79
C THR B 183 33.69 -9.73 -12.00
N ALA B 184 34.10 -10.21 -10.82
CA ALA B 184 35.05 -9.43 -10.03
C ALA B 184 35.83 -10.43 -9.20
N HIS B 185 37.14 -10.27 -9.14
CA HIS B 185 38.00 -11.18 -8.36
C HIS B 185 37.73 -10.98 -6.87
N GLU B 186 37.48 -9.73 -6.46
CA GLU B 186 37.14 -9.36 -5.09
C GLU B 186 35.77 -8.71 -5.23
N PRO B 187 34.87 -8.94 -4.26
CA PRO B 187 33.52 -8.35 -4.36
C PRO B 187 33.51 -6.85 -4.64
N ALA B 188 32.56 -6.40 -5.44
CA ALA B 188 32.50 -4.98 -5.76
C ALA B 188 31.05 -4.60 -5.96
N TRP B 189 30.63 -3.48 -5.38
CA TRP B 189 29.26 -3.00 -5.57
C TRP B 189 29.13 -2.25 -6.91
N VAL B 190 28.03 -2.49 -7.61
CA VAL B 190 27.73 -1.78 -8.87
C VAL B 190 26.27 -1.34 -8.78
N CYS B 191 25.90 -0.35 -9.58
CA CYS B 191 24.49 0.04 -9.61
C CYS B 191 24.08 -0.12 -11.09
N ALA B 192 23.10 -0.99 -11.35
CA ALA B 192 22.61 -1.22 -12.70
C ALA B 192 21.39 -0.36 -12.95
N VAL B 193 21.49 0.57 -13.91
CA VAL B 193 20.41 1.48 -14.26
C VAL B 193 20.02 1.13 -15.69
N GLU B 194 18.76 0.77 -15.87
CA GLU B 194 18.26 0.38 -17.19
C GLU B 194 17.19 1.36 -17.60
N LEU B 195 17.26 1.82 -18.84
CA LEU B 195 16.26 2.75 -19.32
C LEU B 195 15.75 2.30 -20.69
N ASP B 196 14.48 2.54 -20.94
N ASP B 196 14.47 2.48 -20.95
CA ASP B 196 14.00 2.19 -22.25
CA ASP B 196 13.93 2.09 -22.26
C ASP B 196 13.09 3.31 -22.74
C ASP B 196 12.93 3.10 -22.79
N SER B 197 13.12 3.54 -24.05
CA SER B 197 12.27 4.57 -24.63
C SER B 197 10.91 3.94 -24.87
N LEU B 198 9.94 4.29 -24.03
CA LEU B 198 8.60 3.73 -24.18
C LEU B 198 7.98 4.13 -25.51
N GLY B 199 7.27 3.18 -26.12
CA GLY B 199 6.62 3.40 -27.40
C GLY B 199 6.24 2.08 -28.06
N SER C 4 -38.03 8.88 15.65
CA SER C 4 -36.78 8.21 16.13
C SER C 4 -37.10 6.86 16.79
N GLU C 5 -36.57 5.78 16.22
CA GLU C 5 -36.80 4.43 16.75
C GLU C 5 -35.52 3.63 17.00
N LEU C 6 -35.54 2.84 18.07
CA LEU C 6 -34.40 2.02 18.47
C LEU C 6 -34.90 0.62 18.81
N ARG C 7 -34.38 -0.39 18.13
CA ARG C 7 -34.79 -1.76 18.38
C ARG C 7 -33.59 -2.69 18.50
N ILE C 8 -33.74 -3.75 19.28
CA ILE C 8 -32.67 -4.72 19.39
C ILE C 8 -33.20 -5.99 18.76
N LEU C 9 -32.65 -6.32 17.60
CA LEU C 9 -33.08 -7.50 16.86
C LEU C 9 -32.31 -8.73 17.35
N ARG C 10 -33.06 -9.80 17.64
CA ARG C 10 -32.44 -11.04 18.13
C ARG C 10 -32.29 -12.05 17.00
N ALA C 11 -31.14 -12.73 16.95
CA ALA C 11 -30.83 -13.68 15.90
C ALA C 11 -31.82 -14.82 15.83
N VAL C 12 -32.38 -15.16 16.99
CA VAL C 12 -33.35 -16.24 17.07
C VAL C 12 -34.57 -15.94 16.21
N ASP C 13 -34.82 -14.66 15.94
CA ASP C 13 -35.98 -14.23 15.15
C ASP C 13 -35.71 -13.90 13.68
N TYR C 14 -34.53 -14.21 13.19
CA TYR C 14 -34.23 -13.91 11.78
C TYR C 14 -34.88 -14.91 10.84
N PRO C 15 -35.34 -14.44 9.69
CA PRO C 15 -35.96 -15.35 8.73
C PRO C 15 -34.80 -16.07 8.04
N ARG C 16 -35.13 -17.03 7.18
CA ARG C 16 -34.11 -17.74 6.44
C ARG C 16 -34.67 -18.08 5.08
N PRO C 18 -33.60 -19.94 1.59
CA PRO C 18 -32.65 -20.82 0.88
C PRO C 18 -32.52 -20.25 -0.55
N TRP C 19 -31.30 -20.26 -1.11
CA TRP C 19 -31.08 -19.75 -2.45
C TRP C 19 -31.67 -20.71 -3.48
N LYS C 20 -32.40 -20.17 -4.45
CA LYS C 20 -33.03 -21.01 -5.48
C LYS C 20 -32.08 -22.00 -6.15
N ASN C 21 -30.79 -21.66 -6.14
CA ASN C 21 -29.75 -22.48 -6.74
C ASN C 21 -29.17 -23.50 -5.74
N GLY C 22 -29.66 -23.46 -4.50
CA GLY C 22 -29.21 -24.40 -3.49
C GLY C 22 -27.79 -24.26 -2.98
N ALA C 23 -27.08 -23.20 -3.35
CA ALA C 23 -25.71 -23.04 -2.89
C ALA C 23 -25.54 -22.38 -1.53
N GLY C 24 -26.65 -21.92 -0.95
CA GLY C 24 -26.60 -21.28 0.34
C GLY C 24 -27.94 -20.72 0.76
N SER C 25 -27.93 -19.94 1.83
CA SER C 25 -29.17 -19.36 2.34
C SER C 25 -28.85 -18.00 2.94
N THR C 26 -29.88 -17.17 3.05
CA THR C 26 -29.70 -15.83 3.59
C THR C 26 -30.66 -15.55 4.72
N GLU C 27 -30.11 -15.06 5.82
CA GLU C 27 -30.90 -14.69 7.00
C GLU C 27 -30.87 -13.18 7.07
N GLU C 28 -31.95 -12.56 6.64
CA GLU C 28 -32.08 -11.12 6.65
C GLU C 28 -32.22 -10.58 8.08
N ILE C 29 -31.31 -9.68 8.45
CA ILE C 29 -31.35 -9.07 9.79
C ILE C 29 -32.35 -7.89 9.81
N ALA C 30 -32.31 -7.05 8.78
CA ALA C 30 -33.16 -5.88 8.68
C ALA C 30 -33.11 -5.23 7.30
N ARG C 31 -34.09 -4.38 7.03
CA ARG C 31 -34.18 -3.65 5.77
C ARG C 31 -35.03 -2.42 6.04
N ASP C 32 -34.92 -1.39 5.21
CA ASP C 32 -35.71 -0.21 5.46
C ASP C 32 -37.14 -0.44 4.99
N GLY C 33 -37.29 -1.18 3.89
CA GLY C 33 -38.61 -1.49 3.38
C GLY C 33 -38.65 -2.39 2.15
N GLY C 34 -39.83 -2.60 1.59
CA GLY C 34 -39.96 -3.43 0.40
C GLY C 34 -40.12 -4.91 0.66
N ASP C 35 -40.28 -5.67 -0.42
CA ASP C 35 -40.45 -7.12 -0.34
C ASP C 35 -39.50 -7.76 -1.33
N GLY C 36 -38.94 -8.91 -0.98
CA GLY C 36 -38.03 -9.55 -1.89
C GLY C 36 -36.69 -8.86 -2.03
N LEU C 37 -35.95 -9.29 -3.05
CA LEU C 37 -34.62 -8.77 -3.30
C LEU C 37 -34.53 -7.39 -3.96
N ASP C 38 -35.57 -6.58 -3.80
CA ASP C 38 -35.59 -5.22 -4.35
C ASP C 38 -36.65 -4.33 -3.68
N GLY C 39 -36.56 -3.02 -3.91
CA GLY C 39 -37.52 -2.11 -3.31
C GLY C 39 -37.02 -1.44 -2.04
N PHE C 40 -35.97 -2.01 -1.44
CA PHE C 40 -35.41 -1.47 -0.20
C PHE C 40 -34.33 -0.41 -0.44
N GLY C 41 -34.17 0.48 0.54
CA GLY C 41 -33.15 1.49 0.46
C GLY C 41 -31.86 0.80 0.90
N TRP C 42 -32.01 -0.11 1.85
CA TRP C 42 -30.89 -0.90 2.37
C TRP C 42 -31.36 -2.19 3.00
N ARG C 43 -30.44 -3.13 3.06
CA ARG C 43 -30.69 -4.45 3.63
C ARG C 43 -29.41 -4.99 4.27
N LEU C 44 -29.54 -5.58 5.46
CA LEU C 44 -28.41 -6.17 6.17
C LEU C 44 -28.76 -7.62 6.35
N SER C 45 -27.81 -8.51 6.13
CA SER C 45 -28.10 -9.94 6.27
C SER C 45 -26.87 -10.78 6.58
N ILE C 46 -27.12 -12.02 6.98
CA ILE C 46 -26.03 -12.94 7.21
C ILE C 46 -26.34 -14.01 6.20
N ALA C 47 -25.31 -14.67 5.70
CA ALA C 47 -25.54 -15.74 4.71
C ALA C 47 -24.70 -16.95 4.98
N ASP C 48 -25.22 -18.11 4.60
CA ASP C 48 -24.45 -19.34 4.72
C ASP C 48 -24.11 -19.69 3.29
N VAL C 49 -22.82 -19.75 2.98
CA VAL C 49 -22.39 -20.07 1.63
C VAL C 49 -21.79 -21.46 1.69
N GLY C 50 -22.55 -22.44 1.22
CA GLY C 50 -22.08 -23.80 1.26
C GLY C 50 -21.21 -24.20 0.08
N GLU C 51 -21.43 -23.58 -1.07
CA GLU C 51 -20.65 -23.92 -2.25
C GLU C 51 -20.26 -22.71 -3.09
N SER C 52 -19.18 -22.88 -3.85
CA SER C 52 -18.67 -21.87 -4.75
C SER C 52 -19.73 -21.71 -5.82
N GLY C 53 -19.77 -20.56 -6.47
CA GLY C 53 -20.77 -20.33 -7.50
C GLY C 53 -21.04 -18.85 -7.64
N GLY C 54 -21.84 -18.48 -8.65
CA GLY C 54 -22.14 -17.08 -8.86
C GLY C 54 -23.12 -16.49 -7.86
N PHE C 55 -23.05 -15.17 -7.70
CA PHE C 55 -23.93 -14.44 -6.80
C PHE C 55 -24.97 -13.76 -7.69
N SER C 56 -26.23 -13.76 -7.26
CA SER C 56 -27.27 -13.11 -8.04
C SER C 56 -26.95 -11.63 -7.99
N GLY C 57 -27.42 -10.87 -8.97
CA GLY C 57 -27.12 -9.45 -8.96
C GLY C 57 -28.16 -8.70 -8.17
N PHE C 58 -27.83 -7.45 -7.84
CA PHE C 58 -28.74 -6.54 -7.15
C PHE C 58 -28.55 -5.24 -7.89
N ALA C 59 -29.11 -5.19 -9.09
CA ALA C 59 -28.99 -4.04 -9.96
C ALA C 59 -29.23 -2.70 -9.29
N GLY C 60 -28.26 -1.80 -9.45
CA GLY C 60 -28.39 -0.47 -8.90
C GLY C 60 -28.02 -0.37 -7.43
N TYR C 61 -27.57 -1.47 -6.84
CA TYR C 61 -27.17 -1.43 -5.45
C TYR C 61 -25.66 -1.57 -5.25
N GLN C 62 -25.18 -0.98 -4.16
CA GLN C 62 -23.78 -1.07 -3.74
C GLN C 62 -23.77 -2.16 -2.66
N ARG C 63 -22.77 -3.03 -2.69
CA ARG C 63 -22.67 -4.12 -1.69
C ARG C 63 -21.34 -4.08 -0.95
N ILE C 64 -21.36 -4.50 0.31
CA ILE C 64 -20.13 -4.61 1.10
C ILE C 64 -20.30 -5.95 1.83
N ILE C 65 -19.34 -6.86 1.65
CA ILE C 65 -19.43 -8.19 2.25
C ILE C 65 -18.23 -8.47 3.15
N SER C 66 -18.46 -9.23 4.22
CA SER C 66 -17.42 -9.60 5.16
C SER C 66 -17.62 -11.06 5.55
N VAL C 67 -16.53 -11.82 5.60
CA VAL C 67 -16.63 -13.20 6.04
C VAL C 67 -16.75 -13.14 7.58
N LEU C 68 -17.55 -14.02 8.17
CA LEU C 68 -17.69 -14.09 9.63
C LEU C 68 -16.99 -15.33 10.17
N GLU C 69 -17.28 -16.48 9.55
CA GLU C 69 -16.69 -17.76 9.95
C GLU C 69 -16.28 -18.59 8.75
N GLY C 70 -15.26 -19.43 8.92
CA GLY C 70 -14.79 -20.25 7.82
C GLY C 70 -13.42 -19.80 7.37
N GLY C 71 -12.82 -20.54 6.45
CA GLY C 71 -11.50 -20.18 5.98
C GLY C 71 -11.44 -18.89 5.20
N GLY C 72 -12.48 -18.63 4.41
CA GLY C 72 -12.50 -17.43 3.61
C GLY C 72 -12.95 -17.74 2.19
N ARG C 74 -12.63 -16.03 -2.24
CA ARG C 74 -12.05 -15.10 -3.22
C ARG C 74 -13.25 -14.77 -4.08
N LEU C 75 -13.42 -13.50 -4.40
CA LEU C 75 -14.53 -13.07 -5.22
C LEU C 75 -14.01 -12.59 -6.56
N ARG C 76 -14.59 -13.10 -7.64
CA ARG C 76 -14.19 -12.68 -8.97
C ARG C 76 -15.28 -11.72 -9.41
N VAL C 77 -14.90 -10.46 -9.53
CA VAL C 77 -15.82 -9.39 -9.88
C VAL C 77 -15.47 -8.92 -11.29
N ASP C 78 -16.41 -9.07 -12.20
CA ASP C 78 -16.22 -8.70 -13.60
C ASP C 78 -14.87 -9.19 -14.12
N GLY C 79 -14.52 -10.43 -13.77
CA GLY C 79 -13.27 -11.02 -14.22
C GLY C 79 -12.05 -10.85 -13.33
N ALA C 80 -12.11 -9.91 -12.39
CA ALA C 80 -10.99 -9.63 -11.49
C ALA C 80 -11.10 -10.41 -10.18
N GLU C 81 -10.14 -11.28 -9.92
CA GLU C 81 -10.16 -12.06 -8.68
C GLU C 81 -9.59 -11.28 -7.52
N SER C 82 -10.36 -11.19 -6.44
CA SER C 82 -9.91 -10.46 -5.26
C SER C 82 -8.82 -11.22 -4.55
N ALA C 83 -8.26 -10.62 -3.50
CA ALA C 83 -7.27 -11.27 -2.69
C ALA C 83 -8.08 -12.19 -1.78
N PRO C 84 -7.43 -13.08 -1.03
CA PRO C 84 -8.17 -13.99 -0.14
C PRO C 84 -8.87 -13.13 0.92
N LEU C 85 -10.18 -13.32 1.05
CA LEU C 85 -10.97 -12.57 2.02
C LEU C 85 -11.20 -13.43 3.24
N ARG C 86 -10.68 -13.02 4.38
CA ARG C 86 -10.86 -13.77 5.62
C ARG C 86 -11.78 -13.03 6.59
N ALA C 87 -11.99 -13.61 7.77
CA ALA C 87 -12.92 -13.01 8.72
C ALA C 87 -12.75 -11.52 8.94
N ARG C 88 -13.89 -10.84 8.90
CA ARG C 88 -13.97 -9.42 9.14
C ARG C 88 -13.18 -8.50 8.23
N GLN C 89 -12.85 -8.98 7.04
CA GLN C 89 -12.17 -8.12 6.07
C GLN C 89 -13.23 -7.70 5.04
N ALA C 90 -13.81 -6.50 5.22
CA ALA C 90 -14.88 -6.04 4.34
C ALA C 90 -14.42 -5.81 2.92
N PHE C 91 -15.33 -6.07 1.99
CA PHE C 91 -14.98 -5.94 0.58
C PHE C 91 -16.19 -5.41 -0.16
N ALA C 92 -15.99 -4.31 -0.89
CA ALA C 92 -17.07 -3.65 -1.61
C ALA C 92 -17.09 -3.96 -3.10
N PHE C 93 -18.29 -4.07 -3.63
CA PHE C 93 -18.46 -4.33 -5.05
C PHE C 93 -19.87 -3.97 -5.47
N SER C 94 -20.01 -3.75 -6.78
CA SER C 94 -21.30 -3.34 -7.32
C SER C 94 -22.31 -4.48 -7.49
N GLY C 95 -23.57 -4.19 -7.21
CA GLY C 95 -24.61 -5.19 -7.41
C GLY C 95 -24.89 -5.35 -8.91
N ASP C 96 -24.31 -4.47 -9.71
CA ASP C 96 -24.48 -4.54 -11.16
C ASP C 96 -23.40 -5.45 -11.77
N SER C 97 -22.39 -5.80 -10.99
CA SER C 97 -21.29 -6.64 -11.46
C SER C 97 -21.60 -8.12 -11.54
N GLU C 98 -20.78 -8.82 -12.32
CA GLU C 98 -20.89 -10.26 -12.46
C GLU C 98 -19.93 -10.77 -11.39
N VAL C 99 -20.43 -11.56 -10.44
CA VAL C 99 -19.59 -12.04 -9.35
C VAL C 99 -19.63 -13.55 -9.14
N HIS C 100 -18.47 -14.14 -8.96
CA HIS C 100 -18.38 -15.56 -8.68
C HIS C 100 -17.62 -15.74 -7.38
N CYS C 101 -18.13 -16.62 -6.53
CA CYS C 101 -17.50 -16.83 -5.23
C CYS C 101 -16.79 -18.16 -5.16
N THR C 102 -15.52 -18.14 -4.76
CA THR C 102 -14.76 -19.36 -4.61
C THR C 102 -14.43 -19.56 -3.13
N LEU C 103 -14.89 -20.66 -2.58
CA LEU C 103 -14.65 -20.99 -1.18
C LEU C 103 -13.23 -21.53 -1.11
N LEU C 104 -12.44 -21.00 -0.19
CA LEU C 104 -11.05 -21.43 -0.05
C LEU C 104 -10.86 -22.68 0.78
N ASP C 105 -11.82 -22.97 1.66
CA ASP C 105 -11.68 -24.14 2.52
C ASP C 105 -12.98 -24.48 3.25
N GLY C 106 -14.02 -24.82 2.51
CA GLY C 106 -15.26 -25.17 3.16
C GLY C 106 -16.27 -24.05 3.29
N ALA C 107 -17.48 -24.41 3.70
CA ALA C 107 -18.58 -23.48 3.86
C ALA C 107 -18.21 -22.31 4.78
N ILE C 108 -18.87 -21.19 4.57
CA ILE C 108 -18.59 -20.03 5.39
C ILE C 108 -19.88 -19.32 5.71
N ARG C 109 -19.78 -18.36 6.62
N ARG C 109 -19.80 -18.35 6.62
CA ARG C 109 -20.93 -17.53 6.96
CA ARG C 109 -20.95 -17.53 6.96
C ARG C 109 -20.42 -16.13 6.66
C ARG C 109 -20.43 -16.13 6.70
N ASP C 110 -21.26 -15.29 6.08
CA ASP C 110 -20.82 -13.95 5.78
C ASP C 110 -21.83 -12.94 6.31
N PHE C 111 -21.44 -11.68 6.26
CA PHE C 111 -22.25 -10.57 6.76
C PHE C 111 -22.32 -9.60 5.57
N ASN C 112 -23.52 -9.22 5.19
CA ASN C 112 -23.73 -8.38 4.01
C ASN C 112 -24.53 -7.14 4.20
N LEU C 113 -24.06 -6.07 3.57
CA LEU C 113 -24.78 -4.80 3.51
C LEU C 113 -25.03 -4.51 2.03
N ILE C 114 -26.27 -4.14 1.71
CA ILE C 114 -26.64 -3.78 0.34
C ILE C 114 -27.41 -2.48 0.47
N TYR C 115 -27.01 -1.44 -0.24
CA TYR C 115 -27.77 -0.19 -0.13
C TYR C 115 -27.82 0.57 -1.45
N ALA C 116 -28.82 1.45 -1.55
CA ALA C 116 -29.01 2.28 -2.75
C ALA C 116 -28.13 3.53 -2.60
N PRO C 117 -27.03 3.58 -3.37
CA PRO C 117 -26.10 4.70 -3.32
C PRO C 117 -26.69 6.05 -3.68
N ARG C 118 -27.72 6.03 -4.53
CA ARG C 118 -28.36 7.29 -4.89
C ARG C 118 -29.16 7.86 -3.74
N ARG C 119 -29.57 7.01 -2.80
N ARG C 119 -29.57 7.00 -2.80
CA ARG C 119 -30.40 7.48 -1.68
CA ARG C 119 -30.40 7.43 -1.69
C ARG C 119 -29.80 7.36 -0.27
C ARG C 119 -29.83 7.30 -0.28
N HIS C 120 -28.62 6.77 -0.14
CA HIS C 120 -28.02 6.64 1.19
C HIS C 120 -26.51 6.82 1.24
N ARG C 121 -26.04 7.50 2.29
CA ARG C 121 -24.61 7.68 2.53
C ARG C 121 -24.35 6.45 3.42
N ALA C 122 -23.16 5.87 3.37
CA ALA C 122 -22.92 4.66 4.16
C ALA C 122 -21.52 4.58 4.76
N ARG C 123 -21.44 3.96 5.93
CA ARG C 123 -20.14 3.72 6.56
C ARG C 123 -20.21 2.32 7.16
N LEU C 124 -19.12 1.57 7.09
CA LEU C 124 -19.11 0.24 7.66
C LEU C 124 -17.75 -0.03 8.29
N GLN C 125 -17.74 -0.36 9.58
CA GLN C 125 -16.46 -0.63 10.24
C GLN C 125 -16.54 -1.71 11.30
N TRP C 126 -15.65 -2.67 11.19
CA TRP C 126 -15.56 -3.73 12.18
C TRP C 126 -14.74 -3.15 13.36
N LEU C 127 -15.28 -3.28 14.57
CA LEU C 127 -14.62 -2.77 15.76
C LEU C 127 -14.49 -3.87 16.81
N ARG C 128 -13.36 -3.89 17.49
CA ARG C 128 -13.15 -4.89 18.54
C ARG C 128 -13.36 -4.18 19.87
N VAL C 129 -14.45 -4.52 20.54
CA VAL C 129 -14.82 -3.91 21.80
C VAL C 129 -14.18 -4.64 22.97
N GLU C 130 -13.27 -3.96 23.65
CA GLU C 130 -12.58 -4.53 24.81
C GLU C 130 -12.62 -3.44 25.89
N GLY C 131 -13.55 -3.62 26.82
CA GLY C 131 -13.75 -2.68 27.88
C GLY C 131 -14.83 -1.74 27.38
N GLU C 132 -14.42 -0.55 26.93
CA GLU C 132 -15.36 0.44 26.41
C GLU C 132 -14.80 1.04 25.14
N LEU C 133 -15.70 1.56 24.31
CA LEU C 133 -15.29 2.31 23.10
C LEU C 133 -16.48 3.20 22.79
N ASP C 134 -16.23 4.41 22.27
CA ASP C 134 -17.35 5.28 22.00
C ASP C 134 -17.04 6.13 20.79
N TRP C 135 -18.06 6.79 20.27
CA TRP C 135 -17.83 7.70 19.16
C TRP C 135 -19.04 8.62 19.15
N HIS C 136 -18.93 9.70 18.40
CA HIS C 136 -20.05 10.63 18.24
C HIS C 136 -20.36 10.62 16.74
N GLY C 137 -21.63 10.61 16.39
CA GLY C 137 -21.93 10.62 14.97
C GLY C 137 -23.30 11.19 14.68
N THR C 138 -23.50 11.66 13.46
CA THR C 138 -24.78 12.25 13.09
C THR C 138 -25.66 11.39 12.21
N ALA C 139 -25.19 10.21 11.83
CA ALA C 139 -25.96 9.30 10.98
C ALA C 139 -27.40 9.14 11.43
N SER C 140 -28.34 9.11 10.48
CA SER C 140 -29.74 8.96 10.86
C SER C 140 -30.12 7.51 11.17
N THR C 141 -29.33 6.59 10.66
CA THR C 141 -29.59 5.18 10.89
C THR C 141 -28.30 4.49 11.34
N LEU C 142 -28.37 3.71 12.42
CA LEU C 142 -27.21 2.95 12.90
C LEU C 142 -27.63 1.49 13.09
N LEU C 143 -26.84 0.58 12.51
CA LEU C 143 -27.06 -0.85 12.68
C LEU C 143 -25.78 -1.33 13.35
N LEU C 144 -25.88 -1.94 14.52
CA LEU C 144 -24.70 -2.45 15.21
C LEU C 144 -24.89 -3.96 15.36
N PHE C 145 -24.12 -4.71 14.60
CA PHE C 145 -24.18 -6.17 14.59
C PHE C 145 -23.11 -6.73 15.52
N ALA C 146 -23.48 -7.62 16.41
CA ALA C 146 -22.51 -8.22 17.31
C ALA C 146 -22.15 -9.60 16.76
N GLN C 147 -20.88 -9.84 16.48
CA GLN C 147 -20.53 -11.17 16.04
C GLN C 147 -20.46 -12.10 17.24
N GLN C 148 -20.01 -11.56 18.38
CA GLN C 148 -19.88 -12.30 19.64
C GLN C 148 -20.72 -11.74 20.76
N ASP C 149 -20.94 -12.54 21.81
CA ASP C 149 -21.77 -12.13 22.94
C ASP C 149 -21.13 -11.11 23.86
N GLY C 150 -21.96 -10.42 24.62
CA GLY C 150 -21.47 -9.50 25.63
C GLY C 150 -21.41 -8.01 25.39
N VAL C 151 -21.94 -7.51 24.27
CA VAL C 151 -21.85 -6.07 24.05
C VAL C 151 -23.06 -5.27 24.53
N ALA C 152 -22.82 -4.29 25.38
CA ALA C 152 -23.87 -3.41 25.91
C ALA C 152 -23.77 -2.06 25.18
N ILE C 153 -24.90 -1.45 24.88
N ILE C 153 -24.89 -1.45 24.88
CA ILE C 153 -24.94 -0.18 24.17
CA ILE C 153 -24.90 -0.18 24.18
C ILE C 153 -25.70 0.95 24.86
C ILE C 153 -25.67 0.94 24.88
N SER C 154 -25.11 2.15 24.87
CA SER C 154 -25.76 3.33 25.47
C SER C 154 -25.77 4.43 24.41
N LEU C 155 -26.81 5.25 24.40
CA LEU C 155 -26.98 6.35 23.46
C LEU C 155 -27.35 7.57 24.31
N GLN C 156 -26.63 8.68 24.11
CA GLN C 156 -26.86 9.89 24.88
C GLN C 156 -26.83 9.63 26.37
N GLY C 157 -25.97 8.71 26.80
CA GLY C 157 -25.83 8.39 28.21
C GLY C 157 -26.80 7.39 28.80
N GLN C 158 -27.80 7.01 27.99
CA GLN C 158 -28.80 6.06 28.42
C GLN C 158 -28.57 4.65 27.88
N PRO C 159 -28.41 3.67 28.77
CA PRO C 159 -28.19 2.29 28.34
C PRO C 159 -29.42 1.86 27.53
N ARG C 160 -29.19 1.19 26.41
CA ARG C 160 -30.30 0.81 25.53
C ARG C 160 -30.52 -0.68 25.33
N GLY C 161 -29.65 -1.50 25.90
CA GLY C 161 -29.81 -2.92 25.74
C GLY C 161 -28.47 -3.62 25.64
N GLN C 162 -28.51 -4.93 25.44
CA GLN C 162 -27.31 -5.74 25.35
C GLN C 162 -27.51 -6.74 24.21
N LEU C 163 -26.42 -7.05 23.51
CA LEU C 163 -26.44 -7.95 22.36
C LEU C 163 -25.76 -9.27 22.60
N ALA C 164 -26.42 -10.34 22.18
CA ALA C 164 -25.86 -11.68 22.27
C ALA C 164 -25.30 -11.91 20.86
N ALA C 165 -24.51 -12.96 20.66
CA ALA C 165 -23.93 -13.26 19.36
C ALA C 165 -24.95 -13.22 18.23
N HIS C 166 -24.58 -12.47 17.20
CA HIS C 166 -25.38 -12.29 16.02
C HIS C 166 -26.61 -11.43 16.16
N ASP C 167 -26.87 -10.88 17.36
CA ASP C 167 -27.99 -9.97 17.53
C ASP C 167 -27.57 -8.64 16.89
N CYS C 168 -28.53 -7.76 16.65
CA CYS C 168 -28.19 -6.49 16.03
C CYS C 168 -29.09 -5.35 16.47
N LEU C 169 -28.48 -4.22 16.86
CA LEU C 169 -29.25 -3.05 17.23
C LEU C 169 -29.56 -2.33 15.94
N CYS C 170 -30.78 -1.82 15.83
CA CYS C 170 -31.22 -1.06 14.66
C CYS C 170 -31.84 0.22 15.20
N ALA C 171 -31.28 1.34 14.80
CA ALA C 171 -31.77 2.66 15.22
C ALA C 171 -32.00 3.49 13.97
N GLU C 172 -33.20 4.04 13.84
CA GLU C 172 -33.56 4.83 12.66
C GLU C 172 -34.16 6.16 13.06
N GLY C 173 -34.11 7.12 12.15
CA GLY C 173 -34.68 8.43 12.43
C GLY C 173 -33.94 9.24 13.46
N LEU C 174 -32.65 8.95 13.65
CA LEU C 174 -31.85 9.69 14.61
C LEU C 174 -31.64 11.13 14.13
N GLN C 175 -31.69 12.07 15.06
CA GLN C 175 -31.54 13.48 14.71
C GLN C 175 -30.40 14.12 15.47
N GLY C 176 -29.50 14.79 14.74
CA GLY C 176 -28.37 15.47 15.35
C GLY C 176 -27.23 14.56 15.81
N LEU C 177 -26.26 15.16 16.52
CA LEU C 177 -25.08 14.46 17.06
C LEU C 177 -25.46 13.47 18.15
N GLN C 178 -25.02 12.24 17.96
N GLN C 178 -25.04 12.23 17.95
CA GLN C 178 -25.31 11.13 18.85
CA GLN C 178 -25.33 11.15 18.88
C GLN C 178 -24.05 10.62 19.50
C GLN C 178 -24.04 10.68 19.52
N HIS C 179 -24.12 10.34 20.80
CA HIS C 179 -22.95 9.81 21.52
C HIS C 179 -23.23 8.35 21.79
N TRP C 180 -22.50 7.48 21.08
CA TRP C 180 -22.69 6.06 21.23
C TRP C 180 -21.57 5.44 22.05
N ARG C 181 -21.92 4.53 22.96
CA ARG C 181 -20.92 3.88 23.79
C ARG C 181 -21.16 2.37 23.89
N LEU C 182 -20.14 1.58 23.57
CA LEU C 182 -20.25 0.13 23.63
C LEU C 182 -19.34 -0.34 24.73
N THR C 183 -19.82 -1.31 25.49
CA THR C 183 -18.98 -1.83 26.53
C THR C 183 -19.05 -3.36 26.46
N ALA C 184 -17.96 -4.03 26.81
CA ALA C 184 -17.91 -5.49 26.78
C ALA C 184 -16.75 -5.94 27.68
N HIS C 185 -16.92 -7.05 28.39
CA HIS C 185 -15.85 -7.53 29.25
C HIS C 185 -14.88 -8.36 28.41
N GLU C 186 -15.34 -9.51 27.96
CA GLU C 186 -14.48 -10.34 27.13
C GLU C 186 -14.56 -9.73 25.72
N PRO C 187 -13.41 -9.53 25.05
CA PRO C 187 -13.39 -8.97 23.71
C PRO C 187 -14.51 -9.48 22.81
N ALA C 188 -15.10 -8.58 22.04
CA ALA C 188 -16.17 -8.97 21.14
C ALA C 188 -16.13 -8.08 19.91
N TRP C 189 -16.22 -8.70 18.75
CA TRP C 189 -16.22 -7.94 17.52
C TRP C 189 -17.63 -7.53 17.20
N VAL C 190 -17.76 -6.30 16.74
CA VAL C 190 -19.05 -5.75 16.32
C VAL C 190 -18.78 -5.09 14.96
N CYS C 191 -19.82 -4.89 14.17
CA CYS C 191 -19.66 -4.20 12.90
C CYS C 191 -20.68 -3.06 12.97
N ALA C 192 -20.18 -1.85 12.86
CA ALA C 192 -21.02 -0.67 12.94
C ALA C 192 -21.30 -0.20 11.52
N VAL C 193 -22.57 -0.16 11.20
CA VAL C 193 -23.03 0.26 9.89
C VAL C 193 -23.88 1.49 10.07
N GLU C 194 -23.47 2.57 9.41
CA GLU C 194 -24.19 3.83 9.53
C GLU C 194 -24.70 4.24 8.15
N LEU C 195 -25.97 4.64 8.09
CA LEU C 195 -26.55 5.04 6.84
C LEU C 195 -27.23 6.40 7.03
N ASP C 196 -26.98 7.32 6.13
CA ASP C 196 -27.63 8.61 6.22
C ASP C 196 -28.54 8.77 5.04
N SER C 197 -29.74 9.28 5.31
CA SER C 197 -30.78 9.47 4.31
C SER C 197 -30.56 10.71 3.47
N GLU D 5 -8.14 17.89 -2.38
CA GLU D 5 -7.65 16.51 -2.70
C GLU D 5 -7.14 15.85 -1.41
N LEU D 6 -5.89 15.39 -1.43
CA LEU D 6 -5.35 14.74 -0.25
C LEU D 6 -3.97 15.27 0.16
N ARG D 7 -3.86 15.74 1.40
N ARG D 7 -3.85 15.73 1.41
CA ARG D 7 -2.60 16.28 1.90
CA ARG D 7 -2.60 16.29 1.89
C ARG D 7 -2.39 15.86 3.34
C ARG D 7 -2.39 15.92 3.35
N ILE D 8 -1.14 15.69 3.73
CA ILE D 8 -0.85 15.34 5.11
C ILE D 8 -0.30 16.60 5.72
N LEU D 9 -0.99 17.09 6.75
CA LEU D 9 -0.58 18.31 7.43
C LEU D 9 0.41 17.95 8.51
N ARG D 10 1.52 18.68 8.57
CA ARG D 10 2.53 18.38 9.56
C ARG D 10 2.47 19.28 10.79
N ALA D 11 2.51 18.66 11.95
CA ALA D 11 2.43 19.38 13.21
C ALA D 11 3.51 20.43 13.33
N VAL D 12 4.73 20.13 12.86
CA VAL D 12 5.80 21.13 12.95
C VAL D 12 5.40 22.44 12.23
N ASP D 13 4.43 22.37 11.32
CA ASP D 13 3.97 23.55 10.59
C ASP D 13 2.71 24.23 11.12
N TYR D 14 2.11 23.70 12.17
CA TYR D 14 0.91 24.36 12.67
C TYR D 14 1.23 25.73 13.23
N PRO D 15 0.39 26.71 12.93
CA PRO D 15 0.64 28.05 13.46
C PRO D 15 0.19 28.02 14.91
N ARG D 16 0.64 28.98 15.70
CA ARG D 16 0.22 29.02 17.11
C ARG D 16 -0.22 30.40 17.46
N PRO D 18 -1.48 32.58 20.74
CA PRO D 18 -1.71 32.71 22.19
C PRO D 18 -3.09 33.32 22.48
N TRP D 19 -3.76 32.82 23.51
CA TRP D 19 -5.06 33.40 23.86
C TRP D 19 -4.81 34.75 24.53
N LYS D 20 -5.65 35.74 24.22
CA LYS D 20 -5.50 37.08 24.80
C LYS D 20 -5.51 37.13 26.33
N ASN D 21 -5.98 36.06 26.97
CA ASN D 21 -6.05 36.00 28.43
C ASN D 21 -4.84 35.29 29.03
N GLY D 22 -3.97 34.78 28.16
CA GLY D 22 -2.76 34.11 28.61
C GLY D 22 -2.93 32.74 29.26
N ALA D 23 -4.14 32.23 29.27
CA ALA D 23 -4.37 30.94 29.89
C ALA D 23 -4.09 29.79 28.93
N GLY D 24 -3.74 30.13 27.69
CA GLY D 24 -3.46 29.08 26.72
C GLY D 24 -3.16 29.54 25.30
N SER D 25 -3.19 28.61 24.36
CA SER D 25 -2.92 28.97 22.98
C SER D 25 -3.59 27.95 22.08
N THR D 26 -3.77 28.31 20.83
CA THR D 26 -4.40 27.40 19.91
C THR D 26 -3.59 27.24 18.65
N GLU D 27 -3.48 25.99 18.21
CA GLU D 27 -2.79 25.67 16.96
C GLU D 27 -3.85 25.15 15.96
N GLU D 28 -4.21 25.95 14.96
CA GLU D 28 -5.20 25.53 13.98
C GLU D 28 -4.60 24.56 13.00
N ILE D 29 -5.23 23.40 12.89
CA ILE D 29 -4.76 22.38 11.96
C ILE D 29 -5.33 22.64 10.58
N ALA D 30 -6.63 22.88 10.52
CA ALA D 30 -7.28 23.08 9.24
C ALA D 30 -8.69 23.65 9.38
N ARG D 31 -9.20 24.24 8.31
CA ARG D 31 -10.59 24.71 8.29
C ARG D 31 -11.08 24.52 6.86
N ASP D 32 -12.39 24.48 6.64
CA ASP D 32 -12.87 24.31 5.30
C ASP D 32 -12.62 25.58 4.49
N GLY D 33 -12.78 26.71 5.15
CA GLY D 33 -12.57 28.01 4.50
C GLY D 33 -13.18 29.10 5.35
N GLY D 34 -13.30 30.30 4.80
CA GLY D 34 -13.87 31.40 5.56
C GLY D 34 -12.83 32.09 6.43
N ASP D 35 -13.14 33.32 6.84
CA ASP D 35 -12.23 34.11 7.65
C ASP D 35 -12.59 34.28 9.13
N GLY D 36 -11.55 34.39 9.95
CA GLY D 36 -11.75 34.58 11.38
C GLY D 36 -12.36 33.40 12.10
N LEU D 37 -12.62 33.58 13.39
CA LEU D 37 -13.19 32.50 14.18
C LEU D 37 -14.71 32.35 14.15
N ASP D 38 -15.38 33.10 13.28
N ASP D 38 -15.38 33.10 13.28
CA ASP D 38 -16.84 33.04 13.14
CA ASP D 38 -16.84 33.02 13.15
C ASP D 38 -17.25 32.83 11.68
C ASP D 38 -17.25 32.84 11.69
N GLY D 39 -16.27 32.67 10.81
CA GLY D 39 -16.55 32.52 9.39
C GLY D 39 -16.32 31.18 8.75
N PHE D 40 -15.86 30.19 9.52
CA PHE D 40 -15.63 28.88 8.94
C PHE D 40 -16.81 27.93 9.07
N GLY D 41 -16.78 26.84 8.30
CA GLY D 41 -17.80 25.81 8.39
C GLY D 41 -17.37 24.76 9.41
N TRP D 42 -16.09 24.44 9.41
CA TRP D 42 -15.56 23.52 10.42
C TRP D 42 -14.10 23.91 10.61
N ARG D 43 -13.60 23.64 11.80
CA ARG D 43 -12.23 23.93 12.14
C ARG D 43 -11.71 22.87 13.09
N LEU D 44 -10.49 22.42 12.84
CA LEU D 44 -9.85 21.40 13.68
C LEU D 44 -8.63 22.06 14.30
N SER D 45 -8.39 21.83 15.58
CA SER D 45 -7.25 22.48 16.21
C SER D 45 -6.79 21.74 17.46
N ILE D 46 -5.60 22.11 17.92
CA ILE D 46 -5.04 21.58 19.15
C ILE D 46 -4.87 22.81 20.03
N ALA D 47 -5.27 22.74 21.29
CA ALA D 47 -5.09 23.91 22.14
C ALA D 47 -4.29 23.50 23.37
N ASP D 48 -3.56 24.48 23.91
CA ASP D 48 -2.81 24.28 25.13
C ASP D 48 -3.61 25.05 26.15
N VAL D 49 -3.91 24.42 27.28
CA VAL D 49 -4.67 25.11 28.29
C VAL D 49 -3.74 25.05 29.48
N GLY D 50 -3.21 26.21 29.86
CA GLY D 50 -2.25 26.29 30.95
C GLY D 50 -2.82 26.63 32.30
N GLU D 51 -4.03 27.17 32.29
CA GLU D 51 -4.73 27.53 33.52
C GLU D 51 -6.22 27.30 33.41
N SER D 52 -6.87 27.01 34.54
CA SER D 52 -8.31 26.85 34.57
C SER D 52 -8.91 28.22 34.25
N GLY D 53 -10.02 28.24 33.53
CA GLY D 53 -10.65 29.50 33.18
C GLY D 53 -11.79 29.26 32.22
N GLY D 54 -12.54 30.31 31.90
CA GLY D 54 -13.66 30.13 31.00
C GLY D 54 -13.21 29.94 29.57
N PHE D 55 -14.06 29.31 28.77
CA PHE D 55 -13.75 29.10 27.36
C PHE D 55 -14.58 30.13 26.60
N SER D 56 -13.98 30.74 25.60
CA SER D 56 -14.64 31.74 24.78
C SER D 56 -15.70 31.04 23.95
N GLY D 57 -16.75 31.76 23.61
CA GLY D 57 -17.83 31.17 22.85
C GLY D 57 -17.63 31.09 21.36
N PHE D 58 -18.31 30.13 20.77
CA PHE D 58 -18.29 29.94 19.32
C PHE D 58 -19.75 29.80 19.06
N ALA D 59 -20.42 30.96 19.11
CA ALA D 59 -21.85 31.03 18.90
C ALA D 59 -22.32 30.32 17.64
N GLY D 60 -23.33 29.47 17.81
CA GLY D 60 -23.90 28.76 16.69
C GLY D 60 -23.22 27.47 16.27
N TYR D 61 -22.05 27.21 16.85
CA TYR D 61 -21.28 26.01 16.51
C TYR D 61 -21.41 24.90 17.51
N GLN D 62 -21.24 23.66 17.01
CA GLN D 62 -21.22 22.45 17.83
C GLN D 62 -19.72 22.19 18.09
N ARG D 63 -19.39 21.80 19.30
CA ARG D 63 -17.98 21.52 19.62
C ARG D 63 -17.84 20.11 20.14
N ILE D 64 -16.70 19.50 19.82
CA ILE D 64 -16.37 18.18 20.39
C ILE D 64 -14.91 18.36 20.80
N ILE D 65 -14.62 18.16 22.08
CA ILE D 65 -13.25 18.35 22.56
C ILE D 65 -12.75 17.05 23.18
N SER D 66 -11.45 16.81 23.05
CA SER D 66 -10.81 15.65 23.63
C SER D 66 -9.47 16.03 24.26
N VAL D 67 -9.22 15.57 25.48
CA VAL D 67 -7.91 15.81 26.06
C VAL D 67 -6.89 14.93 25.32
N LEU D 68 -5.70 15.45 25.07
CA LEU D 68 -4.63 14.69 24.40
C LEU D 68 -3.50 14.31 25.37
N GLU D 69 -3.01 15.31 26.09
N GLU D 69 -3.02 15.31 26.08
CA GLU D 69 -1.92 15.12 27.05
CA GLU D 69 -1.92 15.15 27.04
C GLU D 69 -2.25 15.86 28.34
C GLU D 69 -2.27 15.85 28.34
N GLY D 70 -1.76 15.34 29.45
CA GLY D 70 -2.01 15.96 30.73
C GLY D 70 -2.97 15.19 31.60
N GLY D 71 -3.08 15.63 32.84
CA GLY D 71 -3.95 14.95 33.79
C GLY D 71 -5.41 14.94 33.43
N GLY D 72 -5.87 15.97 32.71
CA GLY D 72 -7.27 16.02 32.37
C GLY D 72 -7.93 17.30 32.82
N ARG D 74 -12.15 19.18 33.82
CA ARG D 74 -13.56 19.01 34.12
C ARG D 74 -14.21 20.25 33.52
N LEU D 75 -15.23 20.07 32.69
CA LEU D 75 -15.92 21.20 32.10
C LEU D 75 -17.25 21.46 32.79
N ARG D 76 -17.48 22.70 33.20
CA ARG D 76 -18.77 23.05 33.78
C ARG D 76 -19.50 23.72 32.62
N VAL D 77 -20.58 23.10 32.14
CA VAL D 77 -21.33 23.59 30.99
C VAL D 77 -22.73 24.04 31.44
N ASP D 78 -22.99 25.32 31.33
CA ASP D 78 -24.27 25.88 31.77
C ASP D 78 -24.57 25.40 33.19
N GLY D 79 -23.53 25.42 34.02
CA GLY D 79 -23.68 25.02 35.41
C GLY D 79 -23.53 23.55 35.78
N ALA D 80 -23.54 22.66 34.79
CA ALA D 80 -23.41 21.24 35.05
C ALA D 80 -21.95 20.83 34.89
N GLU D 81 -21.35 20.32 35.96
N GLU D 81 -21.37 20.30 35.96
CA GLU D 81 -19.97 19.87 35.90
CA GLU D 81 -19.99 19.85 35.94
C GLU D 81 -19.92 18.49 35.29
C GLU D 81 -19.93 18.48 35.28
N SER D 82 -18.99 18.29 34.36
CA SER D 82 -18.85 17.02 33.68
C SER D 82 -18.09 16.04 34.56
N ALA D 83 -18.04 14.79 34.12
CA ALA D 83 -17.24 13.81 34.82
C ALA D 83 -15.80 14.21 34.45
N PRO D 84 -14.80 13.71 35.20
CA PRO D 84 -13.43 14.06 34.85
C PRO D 84 -13.15 13.60 33.41
N LEU D 85 -12.53 14.47 32.62
CA LEU D 85 -12.23 14.13 31.23
C LEU D 85 -10.75 13.86 31.07
N ARG D 86 -10.43 12.63 30.70
N ARG D 86 -10.43 12.62 30.69
CA ARG D 86 -9.03 12.25 30.52
CA ARG D 86 -9.05 12.21 30.52
C ARG D 86 -8.72 11.99 29.06
C ARG D 86 -8.71 12.00 29.05
N ALA D 87 -7.47 11.63 28.77
CA ALA D 87 -7.03 11.39 27.39
C ALA D 87 -8.00 10.61 26.50
N ARG D 88 -8.27 11.21 25.34
CA ARG D 88 -9.12 10.63 24.31
C ARG D 88 -10.56 10.31 24.63
N GLN D 89 -11.14 11.04 25.58
CA GLN D 89 -12.53 10.86 25.94
C GLN D 89 -13.24 12.08 25.35
N ALA D 90 -13.77 11.88 24.17
CA ALA D 90 -14.44 12.99 23.49
C ALA D 90 -15.68 13.46 24.25
N PHE D 91 -15.88 14.77 24.23
CA PHE D 91 -16.99 15.39 24.94
C PHE D 91 -17.59 16.48 24.03
N ALA D 92 -18.89 16.39 23.80
CA ALA D 92 -19.57 17.36 22.94
C ALA D 92 -20.34 18.40 23.74
N PHE D 93 -20.29 19.64 23.29
CA PHE D 93 -21.03 20.73 23.93
C PHE D 93 -21.27 21.83 22.93
N SER D 94 -22.26 22.65 23.22
CA SER D 94 -22.59 23.75 22.34
C SER D 94 -21.70 24.97 22.53
N GLY D 95 -21.36 25.61 21.42
CA GLY D 95 -20.57 26.83 21.45
C GLY D 95 -21.40 27.97 22.02
N ASP D 96 -22.71 27.75 22.17
CA ASP D 96 -23.60 28.77 22.76
C ASP D 96 -23.63 28.65 24.28
N SER D 97 -23.08 27.57 24.83
CA SER D 97 -23.09 27.37 26.27
C SER D 97 -22.02 28.15 27.00
N GLU D 98 -22.26 28.32 28.29
N GLU D 98 -22.27 28.42 28.27
CA GLU D 98 -21.38 29.02 29.21
CA GLU D 98 -21.26 29.11 29.08
C GLU D 98 -20.46 27.91 29.74
C GLU D 98 -20.47 27.92 29.59
N VAL D 99 -19.16 28.01 29.45
CA VAL D 99 -18.27 26.92 29.84
C VAL D 99 -17.05 27.34 30.62
N HIS D 100 -16.82 26.64 31.72
CA HIS D 100 -15.64 26.89 32.51
C HIS D 100 -14.82 25.60 32.55
N CYS D 101 -13.51 25.73 32.34
CA CYS D 101 -12.66 24.57 32.35
C CYS D 101 -11.82 24.57 33.62
N THR D 102 -11.89 23.48 34.37
CA THR D 102 -11.06 23.33 35.57
C THR D 102 -10.02 22.26 35.24
N LEU D 103 -8.74 22.62 35.31
CA LEU D 103 -7.66 21.67 35.07
C LEU D 103 -7.56 20.81 36.33
N LEU D 104 -7.48 19.50 36.16
CA LEU D 104 -7.42 18.59 37.29
C LEU D 104 -6.06 18.66 37.97
N ASP D 105 -5.00 18.55 37.19
CA ASP D 105 -3.66 18.60 37.75
C ASP D 105 -2.65 19.09 36.71
N GLY D 106 -2.60 20.40 36.55
CA GLY D 106 -1.63 20.97 35.61
C GLY D 106 -2.13 21.14 34.19
N ALA D 107 -1.30 21.80 33.39
CA ALA D 107 -1.60 22.09 31.99
C ALA D 107 -1.97 20.84 31.18
N ILE D 108 -2.76 21.05 30.11
CA ILE D 108 -3.12 19.95 29.23
C ILE D 108 -3.06 20.47 27.80
N ARG D 109 -3.21 19.55 26.87
CA ARG D 109 -3.31 19.90 25.45
C ARG D 109 -4.55 19.15 25.04
N ASP D 110 -5.34 19.77 24.19
CA ASP D 110 -6.56 19.12 23.75
C ASP D 110 -6.67 19.18 22.22
N PHE D 111 -7.63 18.41 21.72
CA PHE D 111 -7.89 18.30 20.29
C PHE D 111 -9.34 18.76 20.16
N ASN D 112 -9.60 19.69 19.24
CA ASN D 112 -10.93 20.29 19.13
C ASN D 112 -11.50 20.25 17.76
N LEU D 113 -12.77 19.84 17.63
CA LEU D 113 -13.46 19.93 16.34
C LEU D 113 -14.56 20.96 16.62
N ILE D 114 -14.68 21.98 15.78
CA ILE D 114 -15.77 22.96 15.94
C ILE D 114 -16.43 23.01 14.57
N TYR D 115 -17.74 22.84 14.50
CA TYR D 115 -18.39 22.87 13.20
C TYR D 115 -19.82 23.42 13.29
N ALA D 116 -20.29 23.90 12.14
CA ALA D 116 -21.63 24.47 12.00
C ALA D 116 -22.59 23.31 11.65
N PRO D 117 -23.41 22.87 12.62
CA PRO D 117 -24.30 21.75 12.34
C PRO D 117 -25.36 21.96 11.23
N ARG D 118 -25.67 23.21 10.95
CA ARG D 118 -26.63 23.44 9.87
C ARG D 118 -25.97 23.27 8.48
N ARG D 119 -24.64 23.21 8.45
CA ARG D 119 -23.94 23.11 7.20
C ARG D 119 -23.19 21.80 7.04
N HIS D 120 -22.85 21.19 8.16
CA HIS D 120 -22.08 19.94 8.12
C HIS D 120 -22.55 18.86 9.05
N ARG D 121 -22.45 17.61 8.59
N ARG D 121 -22.43 17.62 8.55
CA ARG D 121 -22.79 16.47 9.43
CA ARG D 121 -22.75 16.44 9.34
C ARG D 121 -21.43 15.86 9.78
C ARG D 121 -21.35 16.05 9.82
N ALA D 122 -21.24 15.56 11.05
CA ALA D 122 -19.94 15.10 11.57
C ALA D 122 -19.93 13.74 12.27
N ARG D 123 -18.75 13.10 12.28
CA ARG D 123 -18.57 11.85 13.02
C ARG D 123 -17.15 11.99 13.59
N LEU D 124 -16.95 11.57 14.81
CA LEU D 124 -15.62 11.67 15.40
C LEU D 124 -15.41 10.45 16.25
N GLN D 125 -14.28 9.75 16.02
CA GLN D 125 -14.00 8.57 16.82
C GLN D 125 -12.51 8.31 17.02
N TRP D 126 -12.11 8.06 18.27
CA TRP D 126 -10.72 7.71 18.58
C TRP D 126 -10.57 6.23 18.31
N LEU D 127 -9.53 5.86 17.54
CA LEU D 127 -9.26 4.48 17.17
C LEU D 127 -7.83 4.12 17.54
N ARG D 128 -7.61 2.94 18.13
CA ARG D 128 -6.24 2.54 18.45
C ARG D 128 -5.85 1.57 17.35
N VAL D 129 -4.86 1.97 16.56
CA VAL D 129 -4.39 1.16 15.44
C VAL D 129 -3.36 0.15 15.99
N GLU D 130 -3.76 -1.10 16.02
CA GLU D 130 -2.91 -2.18 16.52
C GLU D 130 -2.62 -3.10 15.34
N GLY D 131 -1.55 -2.79 14.64
CA GLY D 131 -1.19 -3.57 13.48
C GLY D 131 -1.91 -3.02 12.27
N GLU D 132 -3.22 -3.24 12.21
CA GLU D 132 -3.99 -2.79 11.05
C GLU D 132 -5.46 -2.61 11.39
N LEU D 133 -6.12 -1.70 10.68
CA LEU D 133 -7.56 -1.52 10.83
C LEU D 133 -8.04 -0.85 9.55
N ASP D 134 -9.31 -1.04 9.19
CA ASP D 134 -9.83 -0.44 7.98
C ASP D 134 -11.33 -0.20 8.12
N TRP D 135 -11.87 0.67 7.28
CA TRP D 135 -13.30 0.89 7.25
C TRP D 135 -13.64 1.40 5.85
N HIS D 136 -14.92 1.36 5.52
CA HIS D 136 -15.39 1.90 4.25
C HIS D 136 -16.32 3.06 4.60
N GLY D 137 -16.22 4.17 3.90
CA GLY D 137 -17.12 5.27 4.22
C GLY D 137 -17.35 6.17 3.03
N THR D 138 -18.47 6.86 2.98
N THR D 138 -18.48 6.85 3.00
CA THR D 138 -18.74 7.74 1.85
CA THR D 138 -18.81 7.74 1.89
C THR D 138 -18.48 9.22 2.15
C THR D 138 -18.56 9.23 2.19
N ALA D 139 -18.06 9.52 3.38
CA ALA D 139 -17.81 10.92 3.75
C ALA D 139 -16.93 11.60 2.74
N SER D 140 -17.31 12.83 2.42
CA SER D 140 -16.58 13.64 1.45
C SER D 140 -15.32 14.25 2.06
N THR D 141 -15.35 14.47 3.37
CA THR D 141 -14.16 15.01 4.02
C THR D 141 -13.69 14.10 5.15
N LEU D 142 -12.40 13.77 5.16
CA LEU D 142 -11.83 12.98 6.24
C LEU D 142 -10.60 13.69 6.82
N LEU D 143 -10.60 13.89 8.13
CA LEU D 143 -9.45 14.46 8.80
C LEU D 143 -9.00 13.30 9.70
N LEU D 144 -7.76 12.84 9.54
CA LEU D 144 -7.30 11.72 10.36
C LEU D 144 -6.08 12.20 11.15
N PHE D 145 -6.30 12.45 12.44
CA PHE D 145 -5.28 13.00 13.31
C PHE D 145 -4.55 11.90 14.06
N ALA D 146 -3.21 11.88 14.02
CA ALA D 146 -2.45 10.86 14.73
C ALA D 146 -1.97 11.41 16.06
N GLN D 147 -2.35 10.82 17.19
CA GLN D 147 -1.84 11.34 18.46
C GLN D 147 -0.43 10.77 18.65
N GLN D 148 -0.26 9.51 18.29
CA GLN D 148 1.03 8.85 18.41
C GLN D 148 1.66 8.61 17.03
N ASP D 149 2.98 8.46 16.99
CA ASP D 149 3.69 8.29 15.73
C ASP D 149 3.59 6.91 15.08
N GLY D 150 3.83 6.88 13.77
CA GLY D 150 3.88 5.62 13.05
C GLY D 150 2.71 5.10 12.27
N VAL D 151 1.68 5.92 12.06
CA VAL D 151 0.53 5.42 11.32
C VAL D 151 0.60 5.64 9.83
N ALA D 152 0.56 4.53 9.09
CA ALA D 152 0.59 4.58 7.64
C ALA D 152 -0.85 4.48 7.13
N ILE D 153 -1.18 5.28 6.13
CA ILE D 153 -2.53 5.30 5.57
C ILE D 153 -2.61 4.90 4.11
N SER D 154 -3.58 4.07 3.78
CA SER D 154 -3.74 3.73 2.38
C SER D 154 -5.21 3.98 2.06
N LEU D 155 -5.48 4.37 0.82
CA LEU D 155 -6.83 4.65 0.33
C LEU D 155 -7.01 3.84 -0.96
N GLN D 156 -8.06 3.04 -1.00
CA GLN D 156 -8.34 2.17 -2.15
C GLN D 156 -7.13 1.25 -2.44
N GLY D 157 -6.46 0.82 -1.37
CA GLY D 157 -5.32 -0.08 -1.47
C GLY D 157 -3.97 0.55 -1.79
N GLN D 158 -3.96 1.86 -1.98
CA GLN D 158 -2.75 2.59 -2.33
C GLN D 158 -2.17 3.39 -1.16
N PRO D 159 -0.88 3.18 -0.84
CA PRO D 159 -0.27 3.95 0.27
C PRO D 159 -0.30 5.44 -0.04
N ARG D 160 -0.69 6.26 0.94
CA ARG D 160 -0.78 7.70 0.74
C ARG D 160 0.08 8.49 1.69
N GLY D 161 0.90 7.80 2.47
CA GLY D 161 1.74 8.53 3.41
C GLY D 161 1.78 7.98 4.81
N GLN D 162 2.55 8.63 5.66
CA GLN D 162 2.72 8.23 7.03
C GLN D 162 2.65 9.44 7.92
N LEU D 163 2.09 9.24 9.10
CA LEU D 163 1.94 10.32 10.06
C LEU D 163 2.82 10.19 11.29
N ALA D 164 3.48 11.30 11.63
CA ALA D 164 4.28 11.36 12.86
C ALA D 164 3.28 11.87 13.92
N ALA D 165 3.72 11.94 15.17
CA ALA D 165 2.83 12.40 16.25
C ALA D 165 2.29 13.79 15.96
N HIS D 166 0.96 13.89 16.07
CA HIS D 166 0.16 15.09 15.84
C HIS D 166 0.01 15.52 14.41
N ASP D 167 0.48 14.72 13.45
CA ASP D 167 0.28 15.06 12.04
C ASP D 167 -1.19 14.71 11.72
N CYS D 168 -1.70 15.26 10.63
CA CYS D 168 -3.09 15.02 10.29
C CYS D 168 -3.35 14.93 8.78
N LEU D 169 -3.95 13.83 8.35
CA LEU D 169 -4.30 13.70 6.96
C LEU D 169 -5.54 14.55 6.74
N CYS D 170 -5.59 15.29 5.64
CA CYS D 170 -6.80 16.07 5.35
C CYS D 170 -7.20 15.70 3.93
N ALA D 171 -8.35 15.04 3.78
CA ALA D 171 -8.86 14.67 2.45
C ALA D 171 -10.22 15.33 2.24
N GLU D 172 -10.33 16.10 1.17
CA GLU D 172 -11.59 16.79 0.90
C GLU D 172 -12.07 16.48 -0.49
N GLY D 173 -13.37 16.67 -0.72
CA GLY D 173 -13.94 16.45 -2.03
C GLY D 173 -13.98 15.01 -2.49
N LEU D 174 -13.97 14.08 -1.54
CA LEU D 174 -14.00 12.65 -1.85
C LEU D 174 -15.38 12.33 -2.42
N GLN D 175 -15.40 11.48 -3.43
CA GLN D 175 -16.65 11.09 -4.09
C GLN D 175 -16.83 9.59 -4.06
N GLY D 176 -17.98 9.14 -3.55
CA GLY D 176 -18.29 7.72 -3.48
C GLY D 176 -17.74 6.98 -2.26
N LEU D 177 -17.94 5.67 -2.26
CA LEU D 177 -17.47 4.84 -1.17
C LEU D 177 -15.94 4.70 -1.19
N GLN D 178 -15.31 5.01 -0.06
CA GLN D 178 -13.87 4.93 0.09
C GLN D 178 -13.45 3.82 1.03
N HIS D 179 -12.35 3.17 0.69
CA HIS D 179 -11.82 2.12 1.55
C HIS D 179 -10.53 2.63 2.18
N TRP D 180 -10.58 2.91 3.47
CA TRP D 180 -9.45 3.41 4.21
C TRP D 180 -8.79 2.35 5.08
N ARG D 181 -7.46 2.26 5.03
CA ARG D 181 -6.75 1.29 5.85
C ARG D 181 -5.58 1.95 6.56
N LEU D 182 -5.44 1.72 7.87
CA LEU D 182 -4.34 2.30 8.61
C LEU D 182 -3.51 1.16 9.15
N THR D 183 -2.20 1.37 9.20
CA THR D 183 -1.32 0.36 9.72
C THR D 183 -0.29 1.01 10.64
N ALA D 184 0.16 0.28 11.65
CA ALA D 184 1.14 0.80 12.58
C ALA D 184 1.96 -0.35 13.20
N HIS D 185 3.24 -0.11 13.45
CA HIS D 185 4.11 -1.14 14.05
C HIS D 185 3.89 -1.21 15.56
N GLU D 186 3.93 -0.05 16.21
CA GLU D 186 3.71 0.08 17.63
C GLU D 186 2.29 0.67 17.64
N PRO D 187 1.41 0.20 18.56
CA PRO D 187 0.03 0.71 18.63
C PRO D 187 -0.04 2.22 18.71
N ALA D 188 -0.94 2.80 17.94
CA ALA D 188 -1.03 4.25 17.91
C ALA D 188 -2.47 4.65 17.83
N TRP D 189 -2.80 5.65 18.64
CA TRP D 189 -4.14 6.19 18.70
C TRP D 189 -4.27 7.27 17.64
N VAL D 190 -5.40 7.24 16.94
CA VAL D 190 -5.72 8.23 15.91
C VAL D 190 -7.16 8.69 16.15
N CYS D 191 -7.50 9.88 15.63
CA CYS D 191 -8.87 10.35 15.75
C CYS D 191 -9.34 10.58 14.32
N ALA D 192 -10.37 9.83 13.95
CA ALA D 192 -10.95 9.91 12.61
C ALA D 192 -12.13 10.85 12.69
N VAL D 193 -12.06 11.94 11.94
CA VAL D 193 -13.14 12.95 11.90
C VAL D 193 -13.70 12.98 10.47
N GLU D 194 -14.99 12.73 10.30
CA GLU D 194 -15.58 12.72 8.96
C GLU D 194 -16.67 13.76 8.92
N LEU D 195 -16.71 14.51 7.83
CA LEU D 195 -17.69 15.56 7.66
C LEU D 195 -18.33 15.44 6.27
N ASP D 196 -19.59 15.84 6.19
CA ASP D 196 -20.31 15.88 4.93
C ASP D 196 -21.05 17.20 4.93
N SER D 197 -21.19 17.77 3.74
CA SER D 197 -21.82 19.06 3.57
C SER D 197 -23.29 19.01 3.20
N LEU D 198 -24.02 20.00 3.69
CA LEU D 198 -25.43 20.08 3.37
C LEU D 198 -25.52 20.25 1.86
N GLY D 199 -26.43 19.50 1.25
CA GLY D 199 -26.60 19.60 -0.18
C GLY D 199 -25.71 18.70 -0.99
#